data_5EXW
#
_entry.id   5EXW
#
_cell.length_a   55.682
_cell.length_b   74.826
_cell.length_c   89.658
_cell.angle_alpha   90.000
_cell.angle_beta   98.840
_cell.angle_gamma   90.000
#
_symmetry.space_group_name_H-M   'P 1 21 1'
#
loop_
_entity.id
_entity.type
_entity.pdbx_description
1 polymer '78 kDa glucose-regulated protein'
2 non-polymer "7-deazaadenosine-5'-triphosphate"
3 water water
#
_entity_poly.entity_id   1
_entity_poly.type   'polypeptide(L)'
_entity_poly.pdbx_seq_one_letter_code
;MHHHHHHSSGRENLYFQGDVGTVVGIDLGTTYSCVGVFKNGRVEIIANDQGNRITPSYVAFTPEGERLIGDAAKNQLTSN
PENTVFDAKRLIGRTWNDPSVQQDIKFLPFKVVEKKTKPYIQVDIGGGQTKTFAPEEISAMVLTKMKETAEAYLGKKVTH
AVVTVPAYFNDAQRQATKDAGTIAGLNVMRIINEPTAAAIAYGLDKREGEKNILVFDLGGGTFDVSLLTIDNGVFEVVAT
NGDTHLGGEDFDQRVMEHFIKLYKKKTGKDVRKDNRAVQKLRREVEKAKRALSSQHQARIEIESFYEGEDFSETLTRAKF
EELNMDLFRSTMKPVQKVLEDSDLKKSDIDEIVLVGGSTRIPKIQQLVKEFFNGKEPSRGINPDEAVAYGAAVQAGVLSG
;
_entity_poly.pdbx_strand_id   A,B
#
# COMPACT_ATOMS: atom_id res chain seq x y z
N VAL A 20 -22.25 7.20 -9.86
CA VAL A 20 -21.57 7.99 -8.78
C VAL A 20 -20.35 8.76 -9.27
N GLY A 21 -19.91 8.49 -10.48
CA GLY A 21 -18.77 9.18 -11.08
C GLY A 21 -17.49 8.95 -10.29
N THR A 22 -16.64 9.96 -10.24
CA THR A 22 -15.43 9.89 -9.42
C THR A 22 -15.69 10.42 -8.03
N VAL A 23 -15.70 9.50 -7.07
CA VAL A 23 -16.03 9.84 -5.69
C VAL A 23 -14.78 10.43 -5.07
N VAL A 24 -14.93 11.51 -4.32
CA VAL A 24 -13.80 12.12 -3.64
C VAL A 24 -13.79 11.75 -2.16
N GLY A 25 -12.61 11.81 -1.55
CA GLY A 25 -12.46 11.58 -0.12
C GLY A 25 -12.09 12.88 0.57
N ILE A 26 -12.88 13.26 1.55
CA ILE A 26 -12.67 14.53 2.23
C ILE A 26 -12.49 14.42 3.73
N ASP A 27 -11.38 14.97 4.22
CA ASP A 27 -11.15 15.27 5.63
C ASP A 27 -11.65 16.68 5.91
N LEU A 28 -12.78 16.77 6.61
CA LEU A 28 -13.37 18.04 7.02
C LEU A 28 -12.91 18.36 8.43
N GLY A 29 -11.83 19.11 8.53
CA GLY A 29 -11.17 19.33 9.80
C GLY A 29 -11.70 20.52 10.55
N THR A 30 -11.45 20.58 11.86
CA THR A 30 -11.81 21.76 12.64
C THR A 30 -11.11 22.99 12.07
N THR A 31 -9.85 22.85 11.73
CA THR A 31 -9.03 23.98 11.29
C THR A 31 -8.59 23.89 9.82
N TYR A 32 -8.29 22.68 9.33
CA TYR A 32 -7.85 22.49 7.96
C TYR A 32 -8.49 21.25 7.35
N SER A 33 -8.90 21.38 6.10
CA SER A 33 -9.54 20.30 5.36
C SER A 33 -8.64 19.88 4.19
N CYS A 34 -8.86 18.66 3.71
CA CYS A 34 -8.01 18.00 2.73
C CYS A 34 -8.89 17.12 1.86
N VAL A 35 -8.61 17.11 0.56
CA VAL A 35 -9.35 16.26 -0.38
C VAL A 35 -8.41 15.43 -1.24
N GLY A 36 -8.76 14.15 -1.42
CA GLY A 36 -8.03 13.22 -2.25
C GLY A 36 -8.95 12.45 -3.18
N VAL A 37 -8.38 11.90 -4.24
N VAL A 37 -8.35 11.85 -4.19
CA VAL A 37 -9.11 11.05 -5.17
CA VAL A 37 -9.10 11.04 -5.15
C VAL A 37 -8.22 9.90 -5.60
C VAL A 37 -8.21 9.90 -5.64
N PHE A 38 -8.83 8.80 -6.05
CA PHE A 38 -8.07 7.67 -6.62
C PHE A 38 -8.05 7.84 -8.14
N LYS A 39 -6.86 8.02 -8.71
CA LYS A 39 -6.73 8.26 -10.16
C LYS A 39 -5.46 7.61 -10.68
N ASN A 40 -5.57 6.96 -11.84
CA ASN A 40 -4.46 6.22 -12.45
C ASN A 40 -3.74 5.30 -11.46
N GLY A 41 -4.52 4.61 -10.65
CA GLY A 41 -4.01 3.51 -9.82
C GLY A 41 -3.55 3.90 -8.43
N ARG A 42 -3.72 5.14 -8.03
CA ARG A 42 -3.27 5.55 -6.69
C ARG A 42 -3.99 6.77 -6.18
N VAL A 43 -3.86 7.03 -4.88
CA VAL A 43 -4.44 8.21 -4.30
C VAL A 43 -3.62 9.45 -4.64
N GLU A 44 -4.32 10.51 -5.03
CA GLU A 44 -3.73 11.82 -5.31
C GLU A 44 -4.36 12.79 -4.35
N ILE A 45 -3.54 13.43 -3.54
CA ILE A 45 -3.97 14.53 -2.71
C ILE A 45 -3.91 15.81 -3.53
N ILE A 46 -5.03 16.51 -3.58
CA ILE A 46 -5.21 17.63 -4.50
C ILE A 46 -4.91 19.00 -3.89
N ALA A 47 -4.08 19.78 -4.60
CA ALA A 47 -3.79 21.13 -4.21
C ALA A 47 -4.92 22.09 -4.58
N ASN A 48 -5.20 23.05 -3.70
CA ASN A 48 -6.19 24.08 -3.98
C ASN A 48 -5.66 25.16 -4.92
N ASP A 49 -6.48 26.17 -5.19
CA ASP A 49 -6.09 27.21 -6.14
C ASP A 49 -4.98 28.17 -5.66
N GLN A 50 -4.66 28.10 -4.38
CA GLN A 50 -3.46 28.76 -3.82
C GLN A 50 -2.22 27.84 -3.75
N GLY A 51 -2.35 26.61 -4.24
CA GLY A 51 -1.22 25.69 -4.33
C GLY A 51 -1.01 24.86 -3.07
N ASN A 52 -2.02 24.83 -2.19
CA ASN A 52 -1.89 24.14 -0.90
C ASN A 52 -2.70 22.87 -0.85
N ARG A 53 -2.08 21.81 -0.31
CA ARG A 53 -2.73 20.49 -0.22
C ARG A 53 -3.66 20.37 1.00
N ILE A 54 -3.66 21.39 1.86
CA ILE A 54 -4.68 21.55 2.89
C ILE A 54 -5.28 22.95 2.75
N THR A 55 -6.54 23.07 3.17
CA THR A 55 -7.32 24.31 3.04
C THR A 55 -7.92 24.65 4.43
N PRO A 56 -7.73 25.89 4.90
CA PRO A 56 -8.37 26.32 6.15
C PRO A 56 -9.90 26.27 6.10
N SER A 57 -10.52 25.74 7.18
CA SER A 57 -11.94 25.63 7.29
C SER A 57 -12.49 26.97 7.77
N TYR A 58 -12.35 27.96 6.90
CA TYR A 58 -12.48 29.35 7.26
C TYR A 58 -13.31 30.07 6.21
N VAL A 59 -14.16 30.97 6.70
CA VAL A 59 -14.99 31.83 5.85
C VAL A 59 -14.86 33.28 6.29
N ALA A 60 -14.87 34.20 5.32
CA ALA A 60 -14.91 35.61 5.62
C ALA A 60 -15.62 36.38 4.51
N PHE A 61 -15.84 37.66 4.76
CA PHE A 61 -16.55 38.54 3.79
C PHE A 61 -15.80 39.84 3.49
N THR A 62 -15.79 40.23 2.22
CA THR A 62 -15.19 41.49 1.82
C THR A 62 -16.16 42.63 2.15
N PRO A 63 -15.66 43.87 2.11
CA PRO A 63 -16.62 44.94 2.37
C PRO A 63 -17.65 45.05 1.23
N GLU A 64 -17.24 44.67 0.01
CA GLU A 64 -18.13 44.65 -1.16
C GLU A 64 -19.13 43.49 -1.09
N GLY A 65 -19.00 42.63 -0.09
CA GLY A 65 -19.89 41.51 0.07
C GLY A 65 -19.45 40.22 -0.63
N GLU A 66 -18.20 40.12 -1.02
CA GLU A 66 -17.68 38.86 -1.55
C GLU A 66 -17.46 37.87 -0.41
N ARG A 67 -17.91 36.62 -0.59
CA ARG A 67 -17.61 35.55 0.34
C ARG A 67 -16.27 34.88 -0.04
N LEU A 68 -15.35 34.89 0.91
CA LEU A 68 -14.06 34.23 0.76
C LEU A 68 -14.10 32.92 1.53
N ILE A 69 -13.42 31.90 1.00
CA ILE A 69 -13.35 30.61 1.66
C ILE A 69 -11.95 30.06 1.58
N GLY A 70 -11.49 29.43 2.65
CA GLY A 70 -10.15 28.83 2.68
C GLY A 70 -9.05 29.85 2.96
N ASP A 71 -7.93 29.68 2.27
CA ASP A 71 -6.76 30.52 2.49
C ASP A 71 -7.08 32.02 2.36
N ALA A 72 -7.82 32.38 1.32
CA ALA A 72 -8.13 33.78 1.09
C ALA A 72 -8.90 34.41 2.27
N ALA A 73 -9.73 33.61 2.92
CA ALA A 73 -10.51 34.07 4.07
C ALA A 73 -9.64 34.18 5.33
N LYS A 74 -8.82 33.17 5.58
CA LYS A 74 -7.92 33.20 6.71
C LYS A 74 -6.88 34.31 6.57
N ASN A 75 -6.43 34.56 5.34
CA ASN A 75 -5.37 35.53 5.06
C ASN A 75 -5.86 36.98 4.89
N GLN A 76 -7.17 37.18 4.85
CA GLN A 76 -7.73 38.54 4.71
C GLN A 76 -7.42 39.34 5.98
N LEU A 77 -6.68 40.43 5.82
CA LEU A 77 -6.43 41.34 6.92
C LEU A 77 -7.73 42.09 7.30
N THR A 78 -8.02 42.11 8.60
CA THR A 78 -9.30 42.60 9.09
C THR A 78 -9.16 43.21 10.48
N SER A 79 -9.87 44.30 10.69
CA SER A 79 -10.05 44.88 12.03
C SER A 79 -11.40 44.45 12.64
N ASN A 80 -12.11 43.55 11.92
CA ASN A 80 -13.42 43.00 12.36
C ASN A 80 -13.45 41.47 12.35
N PRO A 81 -12.75 40.85 13.31
CA PRO A 81 -12.79 39.40 13.46
C PRO A 81 -14.22 38.84 13.73
N GLU A 82 -15.18 39.70 14.08
CA GLU A 82 -16.56 39.23 14.29
C GLU A 82 -17.26 38.77 13.00
N ASN A 83 -16.78 39.19 11.83
CA ASN A 83 -17.33 38.73 10.55
C ASN A 83 -16.52 37.64 9.84
N THR A 84 -15.58 37.02 10.55
CA THR A 84 -14.92 35.82 10.05
C THR A 84 -15.56 34.64 10.76
N VAL A 85 -15.61 33.49 10.10
CA VAL A 85 -16.22 32.32 10.71
C VAL A 85 -15.28 31.15 10.56
N PHE A 86 -15.12 30.41 11.63
CA PHE A 86 -14.21 29.27 11.70
C PHE A 86 -14.67 28.41 12.85
N ASP A 87 -14.01 27.27 13.06
CA ASP A 87 -14.39 26.35 14.14
C ASP A 87 -15.88 25.92 14.13
N ALA A 88 -16.54 25.93 12.98
CA ALA A 88 -17.94 25.45 12.87
C ALA A 88 -18.13 23.99 13.30
N LYS A 89 -17.07 23.18 13.16
CA LYS A 89 -17.09 21.76 13.60
C LYS A 89 -17.32 21.62 15.09
N ARG A 90 -16.95 22.63 15.86
CA ARG A 90 -17.24 22.63 17.29
C ARG A 90 -18.73 22.72 17.58
N LEU A 91 -19.47 23.29 16.63
CA LEU A 91 -20.91 23.59 16.81
C LEU A 91 -21.82 22.64 16.04
N ILE A 92 -21.27 21.99 15.02
CA ILE A 92 -22.07 21.21 14.08
C ILE A 92 -22.82 20.03 14.79
N GLY A 93 -24.08 19.87 14.47
CA GLY A 93 -24.88 18.78 15.05
C GLY A 93 -25.23 18.91 16.53
N ARG A 94 -25.07 20.11 17.08
CA ARG A 94 -25.31 20.36 18.50
C ARG A 94 -26.45 21.34 18.67
N THR A 95 -27.15 21.24 19.80
CA THR A 95 -28.18 22.19 20.11
C THR A 95 -27.58 23.45 20.74
N TRP A 96 -28.30 24.57 20.63
CA TRP A 96 -27.89 25.82 21.27
C TRP A 96 -27.55 25.63 22.74
N ASN A 97 -28.38 24.88 23.45
CA ASN A 97 -28.25 24.78 24.88
C ASN A 97 -27.29 23.69 25.36
N ASP A 98 -26.65 23.00 24.42
CA ASP A 98 -25.60 22.01 24.70
C ASP A 98 -24.52 22.78 25.50
N PRO A 99 -24.19 22.30 26.71
CA PRO A 99 -23.18 22.97 27.54
C PRO A 99 -21.83 23.21 26.81
N SER A 100 -21.45 22.31 25.92
CA SER A 100 -20.23 22.49 25.08
C SER A 100 -20.33 23.75 24.20
N VAL A 101 -21.50 23.95 23.61
CA VAL A 101 -21.77 25.13 22.78
C VAL A 101 -21.68 26.38 23.61
N GLN A 102 -22.34 26.36 24.76
CA GLN A 102 -22.37 27.52 25.62
C GLN A 102 -20.95 27.90 26.10
N GLN A 103 -20.09 26.92 26.30
CA GLN A 103 -18.70 27.17 26.68
C GLN A 103 -17.90 27.70 25.50
N ASP A 104 -18.03 27.07 24.32
CA ASP A 104 -17.28 27.48 23.11
C ASP A 104 -17.60 28.90 22.64
N ILE A 105 -18.86 29.29 22.77
CA ILE A 105 -19.24 30.62 22.29
C ILE A 105 -18.51 31.74 23.08
N LYS A 106 -18.04 31.44 24.28
CA LYS A 106 -17.27 32.42 25.06
C LYS A 106 -15.96 32.79 24.36
N PHE A 107 -15.40 31.86 23.59
CA PHE A 107 -14.09 32.05 22.98
C PHE A 107 -14.13 32.39 21.49
N LEU A 108 -15.31 32.37 20.89
CA LEU A 108 -15.47 32.62 19.45
C LEU A 108 -15.76 34.09 19.23
N PRO A 109 -15.09 34.74 18.27
CA PRO A 109 -15.24 36.19 18.17
C PRO A 109 -16.49 36.62 17.42
N PHE A 110 -17.11 35.68 16.72
CA PHE A 110 -18.31 35.94 15.95
C PHE A 110 -19.55 35.64 16.79
N LYS A 111 -20.66 36.28 16.41
CA LYS A 111 -21.93 36.14 17.12
C LYS A 111 -22.61 34.79 16.83
N VAL A 112 -23.12 34.17 17.89
CA VAL A 112 -23.87 32.91 17.79
C VAL A 112 -25.19 33.14 18.52
N VAL A 113 -26.28 32.77 17.85
CA VAL A 113 -27.63 33.03 18.36
C VAL A 113 -28.48 31.78 18.27
N GLU A 114 -29.49 31.71 19.13
CA GLU A 114 -30.37 30.55 19.15
C GLU A 114 -31.39 30.68 18.04
N LYS A 115 -31.44 29.68 17.15
CA LYS A 115 -32.41 29.65 16.06
C LYS A 115 -32.76 28.21 15.73
N LYS A 116 -34.05 27.90 15.76
CA LYS A 116 -34.54 26.55 15.51
C LYS A 116 -33.81 25.55 16.39
N THR A 117 -33.68 25.90 17.67
CA THR A 117 -32.99 25.08 18.71
C THR A 117 -31.47 24.98 18.58
N LYS A 118 -30.88 25.59 17.55
CA LYS A 118 -29.48 25.38 17.21
C LYS A 118 -28.66 26.68 17.37
N PRO A 119 -27.32 26.56 17.42
CA PRO A 119 -26.46 27.74 17.42
C PRO A 119 -26.17 28.21 16.00
N TYR A 120 -26.90 29.20 15.56
CA TYR A 120 -26.66 29.79 14.25
C TYR A 120 -25.61 30.90 14.37
N ILE A 121 -24.77 31.03 13.35
CA ILE A 121 -23.76 32.05 13.29
C ILE A 121 -24.34 33.29 12.60
N GLN A 122 -24.13 34.46 13.19
CA GLN A 122 -24.67 35.71 12.66
C GLN A 122 -23.51 36.63 12.32
N VAL A 123 -23.45 37.08 11.07
CA VAL A 123 -22.36 37.98 10.61
C VAL A 123 -22.89 39.05 9.68
N ASP A 124 -22.16 40.16 9.57
CA ASP A 124 -22.40 41.15 8.49
C ASP A 124 -21.58 40.70 7.29
N ILE A 125 -22.25 40.57 6.15
CA ILE A 125 -21.66 39.99 4.94
C ILE A 125 -21.39 41.03 3.86
N GLY A 126 -21.41 42.31 4.22
CA GLY A 126 -21.25 43.40 3.27
C GLY A 126 -22.32 44.47 3.42
N GLY A 127 -21.88 45.72 3.44
CA GLY A 127 -22.79 46.85 3.36
C GLY A 127 -23.86 46.90 4.45
N GLY A 128 -23.57 46.32 5.61
CA GLY A 128 -24.53 46.33 6.72
C GLY A 128 -25.60 45.25 6.65
N GLN A 129 -25.50 44.34 5.69
CA GLN A 129 -26.46 43.25 5.59
C GLN A 129 -26.06 42.14 6.54
N THR A 130 -27.00 41.72 7.37
CA THR A 130 -26.80 40.68 8.37
C THR A 130 -27.40 39.37 7.83
N LYS A 131 -26.68 38.28 8.01
CA LYS A 131 -27.22 36.96 7.72
C LYS A 131 -26.86 35.96 8.81
N THR A 132 -27.72 34.97 8.99
CA THR A 132 -27.47 33.87 9.90
C THR A 132 -27.25 32.58 9.13
N PHE A 133 -26.31 31.79 9.60
CA PHE A 133 -25.98 30.51 8.98
C PHE A 133 -25.95 29.43 10.01
N ALA A 134 -26.55 28.30 9.72
CA ALA A 134 -26.39 27.12 10.57
C ALA A 134 -24.95 26.63 10.44
N PRO A 135 -24.45 25.97 11.49
CA PRO A 135 -23.14 25.40 11.42
C PRO A 135 -22.95 24.53 10.19
N GLU A 136 -23.95 23.71 9.85
CA GLU A 136 -23.78 22.88 8.64
C GLU A 136 -23.75 23.71 7.33
N GLU A 137 -24.29 24.92 7.35
CA GLU A 137 -24.20 25.81 6.18
C GLU A 137 -22.79 26.37 6.03
N ILE A 138 -22.10 26.62 7.15
CA ILE A 138 -20.70 27.06 7.10
C ILE A 138 -19.83 25.89 6.62
N SER A 139 -20.10 24.71 7.16
CA SER A 139 -19.37 23.52 6.73
C SER A 139 -19.63 23.18 5.27
N ALA A 140 -20.83 23.47 4.79
CA ALA A 140 -21.16 23.33 3.37
C ALA A 140 -20.29 24.24 2.50
N MET A 141 -19.96 25.44 2.98
CA MET A 141 -19.13 26.36 2.21
C MET A 141 -17.72 25.82 2.07
N VAL A 142 -17.24 25.20 3.15
CA VAL A 142 -15.93 24.58 3.13
C VAL A 142 -15.95 23.36 2.19
N LEU A 143 -17.01 22.55 2.26
CA LEU A 143 -17.13 21.39 1.34
C LEU A 143 -17.22 21.82 -0.12
N THR A 144 -17.90 22.93 -0.37
CA THR A 144 -18.01 23.49 -1.71
C THR A 144 -16.60 23.84 -2.27
N LYS A 145 -15.77 24.46 -1.43
CA LYS A 145 -14.39 24.78 -1.82
C LYS A 145 -13.62 23.47 -2.08
N MET A 146 -13.83 22.46 -1.24
CA MET A 146 -13.13 21.18 -1.43
C MET A 146 -13.58 20.51 -2.75
N LYS A 147 -14.88 20.58 -3.02
CA LYS A 147 -15.48 20.11 -4.28
C LYS A 147 -14.89 20.82 -5.50
N GLU A 148 -14.82 22.15 -5.46
CA GLU A 148 -14.19 22.96 -6.52
C GLU A 148 -12.73 22.60 -6.77
N THR A 149 -11.97 22.45 -5.68
CA THR A 149 -10.56 22.00 -5.72
C THR A 149 -10.42 20.65 -6.47
N ALA A 150 -11.27 19.69 -6.13
CA ALA A 150 -11.27 18.39 -6.84
C ALA A 150 -11.68 18.50 -8.30
N GLU A 151 -12.68 19.32 -8.58
CA GLU A 151 -13.19 19.48 -9.94
C GLU A 151 -12.16 20.14 -10.86
N ALA A 152 -11.37 21.06 -10.32
CA ALA A 152 -10.30 21.69 -11.08
C ALA A 152 -9.22 20.69 -11.47
N TYR A 153 -8.89 19.80 -10.55
CA TYR A 153 -7.91 18.75 -10.77
C TYR A 153 -8.43 17.74 -11.80
N LEU A 154 -9.67 17.26 -11.61
CA LEU A 154 -10.25 16.21 -12.43
C LEU A 154 -10.67 16.67 -13.81
N GLY A 155 -10.91 17.97 -13.95
CA GLY A 155 -11.43 18.54 -15.19
C GLY A 155 -12.87 18.16 -15.47
N LYS A 156 -13.65 17.86 -14.43
CA LYS A 156 -15.06 17.49 -14.54
C LYS A 156 -15.78 17.66 -13.20
N LYS A 157 -17.11 17.58 -13.20
CA LYS A 157 -17.87 17.73 -11.96
C LYS A 157 -17.77 16.47 -11.09
N VAL A 158 -17.92 16.64 -9.79
CA VAL A 158 -18.05 15.49 -8.90
C VAL A 158 -19.34 15.66 -8.13
N THR A 159 -19.95 14.54 -7.79
CA THR A 159 -21.28 14.55 -7.16
C THR A 159 -21.36 13.78 -5.84
N HIS A 160 -20.34 12.95 -5.55
CA HIS A 160 -20.38 12.00 -4.45
C HIS A 160 -19.08 12.07 -3.68
N ALA A 161 -19.15 11.84 -2.37
CA ALA A 161 -17.98 11.92 -1.48
C ALA A 161 -18.03 10.91 -0.33
N VAL A 162 -16.84 10.51 0.14
CA VAL A 162 -16.65 9.89 1.45
C VAL A 162 -16.14 11.02 2.37
N VAL A 163 -16.77 11.25 3.51
CA VAL A 163 -16.35 12.31 4.43
C VAL A 163 -16.07 11.71 5.78
N THR A 164 -15.03 12.23 6.43
CA THR A 164 -14.61 11.70 7.71
C THR A 164 -15.11 12.59 8.89
N VAL A 165 -15.30 11.97 10.04
CA VAL A 165 -15.68 12.62 11.28
C VAL A 165 -14.91 12.01 12.45
N PRO A 166 -14.79 12.74 13.56
CA PRO A 166 -14.15 12.17 14.74
C PRO A 166 -14.92 10.96 15.22
N ALA A 167 -14.21 9.98 15.76
CA ALA A 167 -14.84 8.74 16.16
C ALA A 167 -15.93 8.95 17.21
N TYR A 168 -15.80 9.98 18.04
CA TYR A 168 -16.78 10.21 19.10
C TYR A 168 -18.02 10.96 18.60
N PHE A 169 -18.05 11.37 17.32
CA PHE A 169 -19.22 12.07 16.77
C PHE A 169 -20.45 11.19 16.94
N ASN A 170 -21.54 11.83 17.35
CA ASN A 170 -22.80 11.13 17.62
C ASN A 170 -23.74 11.15 16.38
N ASP A 171 -24.96 10.67 16.53
CA ASP A 171 -25.91 10.58 15.41
C ASP A 171 -26.20 11.94 14.76
N ALA A 172 -26.47 12.96 15.59
CA ALA A 172 -26.79 14.30 15.07
C ALA A 172 -25.59 14.95 14.38
N GLN A 173 -24.39 14.75 14.92
CA GLN A 173 -23.17 15.33 14.32
C GLN A 173 -22.86 14.69 12.97
N ARG A 174 -23.02 13.37 12.89
CA ARG A 174 -22.87 12.64 11.61
C ARG A 174 -23.92 13.10 10.59
N GLN A 175 -25.18 13.20 11.02
CA GLN A 175 -26.24 13.62 10.10
C GLN A 175 -26.05 15.07 9.63
N ALA A 176 -25.66 15.95 10.54
CA ALA A 176 -25.38 17.35 10.17
C ALA A 176 -24.22 17.44 9.14
N THR A 177 -23.23 16.55 9.29
CA THR A 177 -22.12 16.47 8.32
C THR A 177 -22.60 16.05 6.92
N LYS A 178 -23.48 15.05 6.87
CA LYS A 178 -24.12 14.66 5.62
C LYS A 178 -24.95 15.79 5.02
N ASP A 179 -25.68 16.50 5.88
CA ASP A 179 -26.49 17.65 5.46
C ASP A 179 -25.64 18.78 4.87
N ALA A 180 -24.48 19.03 5.47
CA ALA A 180 -23.50 19.98 4.93
C ALA A 180 -23.10 19.59 3.50
N GLY A 181 -22.86 18.31 3.30
CA GLY A 181 -22.62 17.75 1.94
C GLY A 181 -23.74 18.05 0.99
N THR A 182 -24.98 17.76 1.42
CA THR A 182 -26.15 17.97 0.58
C THR A 182 -26.21 19.42 0.13
N ILE A 183 -26.01 20.32 1.08
CA ILE A 183 -26.06 21.76 0.78
C ILE A 183 -24.99 22.12 -0.26
N ALA A 184 -23.84 21.48 -0.16
CA ALA A 184 -22.72 21.67 -1.07
C ALA A 184 -22.85 20.95 -2.41
N GLY A 185 -23.93 20.22 -2.61
CA GLY A 185 -24.10 19.43 -3.81
C GLY A 185 -23.33 18.12 -3.80
N LEU A 186 -22.98 17.61 -2.62
CA LEU A 186 -22.28 16.34 -2.50
C LEU A 186 -23.19 15.33 -1.81
N ASN A 187 -23.29 14.17 -2.44
CA ASN A 187 -23.95 13.06 -1.84
C ASN A 187 -22.89 12.33 -1.01
N VAL A 188 -22.94 12.52 0.30
CA VAL A 188 -22.02 11.87 1.22
C VAL A 188 -22.46 10.43 1.38
N MET A 189 -21.81 9.56 0.61
CA MET A 189 -22.19 8.15 0.50
C MET A 189 -21.85 7.34 1.72
N ARG A 190 -20.73 7.72 2.34
CA ARG A 190 -20.20 7.09 3.54
C ARG A 190 -19.61 8.16 4.47
N ILE A 191 -19.96 8.05 5.75
CA ILE A 191 -19.26 8.78 6.82
C ILE A 191 -18.36 7.75 7.51
N ILE A 192 -17.06 8.00 7.57
CA ILE A 192 -16.14 7.07 8.21
C ILE A 192 -15.36 7.78 9.30
N ASN A 193 -14.93 7.05 10.30
CA ASN A 193 -14.23 7.69 11.42
C ASN A 193 -12.80 8.08 11.03
N GLU A 194 -12.39 9.26 11.45
CA GLU A 194 -11.03 9.77 11.19
C GLU A 194 -9.87 8.81 11.52
N PRO A 195 -9.83 8.24 12.74
CA PRO A 195 -8.71 7.33 13.02
C PRO A 195 -8.72 6.06 12.16
N THR A 196 -9.91 5.61 11.80
CA THR A 196 -10.05 4.46 10.90
C THR A 196 -9.50 4.79 9.49
N ALA A 197 -9.87 5.94 8.97
CA ALA A 197 -9.39 6.40 7.67
C ALA A 197 -7.87 6.46 7.66
N ALA A 198 -7.27 6.95 8.75
CA ALA A 198 -5.79 6.95 8.86
C ALA A 198 -5.22 5.54 8.80
N ALA A 199 -5.81 4.62 9.57
CA ALA A 199 -5.35 3.24 9.55
C ALA A 199 -5.45 2.59 8.15
N ILE A 200 -6.52 2.91 7.43
CA ILE A 200 -6.74 2.43 6.07
C ILE A 200 -5.67 3.00 5.13
N ALA A 201 -5.33 4.27 5.33
CA ALA A 201 -4.28 4.92 4.54
C ALA A 201 -2.99 4.12 4.60
N TYR A 202 -2.72 3.56 5.78
CA TYR A 202 -1.53 2.78 6.00
C TYR A 202 -1.71 1.28 5.76
N GLY A 203 -2.85 0.87 5.20
CA GLY A 203 -3.03 -0.54 4.80
C GLY A 203 -3.20 -1.49 5.98
N LEU A 204 -3.55 -0.94 7.14
CA LEU A 204 -3.64 -1.72 8.37
C LEU A 204 -4.90 -2.61 8.42
N ASP A 205 -5.85 -2.33 7.53
CA ASP A 205 -7.05 -3.14 7.41
C ASP A 205 -6.80 -4.44 6.65
N LYS A 206 -5.78 -4.46 5.81
CA LYS A 206 -5.44 -5.62 4.98
C LYS A 206 -4.39 -6.49 5.67
N ARG A 207 -4.60 -6.73 6.97
CA ARG A 207 -3.65 -7.46 7.80
C ARG A 207 -4.34 -8.64 8.46
N GLU A 208 -3.59 -9.71 8.73
CA GLU A 208 -4.16 -10.92 9.34
C GLU A 208 -4.14 -10.82 10.86
N GLY A 209 -5.00 -11.60 11.52
CA GLY A 209 -5.04 -11.66 12.98
C GLY A 209 -5.68 -10.44 13.63
N GLU A 210 -5.78 -10.46 14.97
CA GLU A 210 -6.28 -9.33 15.76
C GLU A 210 -5.11 -8.41 16.08
N LYS A 211 -5.29 -7.13 15.89
CA LYS A 211 -4.25 -6.18 16.23
C LYS A 211 -4.87 -4.98 16.91
N ASN A 212 -4.12 -4.39 17.85
CA ASN A 212 -4.49 -3.15 18.52
C ASN A 212 -3.70 -1.97 17.93
N ILE A 213 -4.41 -0.90 17.58
CA ILE A 213 -3.84 0.24 16.93
C ILE A 213 -4.15 1.47 17.75
N LEU A 214 -3.12 2.23 18.08
CA LEU A 214 -3.26 3.48 18.81
C LEU A 214 -3.09 4.58 17.79
N VAL A 215 -4.12 5.40 17.63
CA VAL A 215 -4.05 6.56 16.71
C VAL A 215 -3.92 7.84 17.56
N PHE A 216 -2.86 8.59 17.29
CA PHE A 216 -2.48 9.79 18.04
C PHE A 216 -2.63 10.94 17.06
N ASP A 217 -3.68 11.75 17.24
CA ASP A 217 -4.09 12.73 16.24
C ASP A 217 -4.08 14.13 16.82
N LEU A 218 -3.04 14.89 16.48
CA LEU A 218 -2.84 16.21 17.05
C LEU A 218 -2.85 17.23 15.93
N GLY A 219 -3.93 17.99 15.86
CA GLY A 219 -4.20 18.88 14.74
C GLY A 219 -3.95 20.33 15.05
N GLY A 220 -4.79 21.19 14.48
CA GLY A 220 -4.71 22.62 14.70
C GLY A 220 -5.37 23.05 15.99
N GLY A 221 -6.56 22.52 16.24
CA GLY A 221 -7.36 22.93 17.39
C GLY A 221 -7.67 21.85 18.41
N THR A 222 -7.54 20.60 18.00
CA THR A 222 -7.94 19.44 18.81
C THR A 222 -6.89 18.34 18.84
N PHE A 223 -6.96 17.55 19.91
CA PHE A 223 -6.13 16.39 20.13
C PHE A 223 -7.05 15.20 20.38
N ASP A 224 -7.03 14.21 19.48
CA ASP A 224 -7.82 12.96 19.62
C ASP A 224 -6.89 11.73 19.66
N VAL A 225 -7.08 10.87 20.67
CA VAL A 225 -6.41 9.58 20.75
C VAL A 225 -7.51 8.54 20.67
N SER A 226 -7.28 7.52 19.84
CA SER A 226 -8.24 6.45 19.66
C SER A 226 -7.55 5.10 19.70
N LEU A 227 -8.16 4.14 20.40
CA LEU A 227 -7.71 2.77 20.35
C LEU A 227 -8.67 2.02 19.47
N LEU A 228 -8.15 1.46 18.38
CA LEU A 228 -8.94 0.65 17.48
C LEU A 228 -8.43 -0.77 17.50
N THR A 229 -9.32 -1.74 17.34
CA THR A 229 -8.91 -3.08 17.01
C THR A 229 -9.30 -3.34 15.58
N ILE A 230 -8.52 -4.18 14.93
CA ILE A 230 -8.76 -4.56 13.55
C ILE A 230 -8.75 -6.09 13.52
N ASP A 231 -9.77 -6.66 12.90
CA ASP A 231 -9.87 -8.10 12.71
C ASP A 231 -10.81 -8.33 11.56
N ASN A 232 -10.41 -9.19 10.62
CA ASN A 232 -11.23 -9.52 9.45
C ASN A 232 -11.47 -8.29 8.56
N GLY A 233 -10.54 -7.35 8.58
CA GLY A 233 -10.73 -6.06 7.89
C GLY A 233 -11.83 -5.18 8.45
N VAL A 234 -12.39 -5.54 9.62
CA VAL A 234 -13.38 -4.72 10.31
C VAL A 234 -12.73 -4.05 11.53
N PHE A 235 -12.94 -2.74 11.64
CA PHE A 235 -12.41 -1.96 12.74
C PHE A 235 -13.46 -1.80 13.83
N GLU A 236 -13.01 -1.79 15.07
CA GLU A 236 -13.84 -1.42 16.21
C GLU A 236 -13.12 -0.27 16.96
N VAL A 237 -13.83 0.81 17.22
CA VAL A 237 -13.30 1.86 18.07
C VAL A 237 -13.54 1.43 19.51
N VAL A 238 -12.48 1.07 20.22
CA VAL A 238 -12.61 0.56 21.56
C VAL A 238 -12.74 1.67 22.61
N ALA A 239 -11.92 2.70 22.48
CA ALA A 239 -11.93 3.83 23.42
C ALA A 239 -11.39 5.08 22.74
N THR A 240 -11.87 6.24 23.20
CA THR A 240 -11.37 7.51 22.71
C THR A 240 -11.06 8.44 23.88
N ASN A 241 -10.12 9.36 23.67
CA ASN A 241 -9.82 10.40 24.65
C ASN A 241 -9.07 11.52 23.94
N GLY A 242 -8.49 12.44 24.69
CA GLY A 242 -7.83 13.57 24.07
C GLY A 242 -8.14 14.85 24.81
N ASP A 243 -8.01 15.95 24.11
CA ASP A 243 -8.33 17.25 24.64
C ASP A 243 -8.93 18.05 23.48
N THR A 244 -10.14 18.55 23.69
CA THR A 244 -10.92 19.23 22.65
C THR A 244 -10.34 20.58 22.27
N HIS A 245 -9.52 21.15 23.13
CA HIS A 245 -8.92 22.48 22.90
C HIS A 245 -7.40 22.46 23.13
N LEU A 246 -6.73 21.51 22.52
CA LEU A 246 -5.28 21.47 22.49
C LEU A 246 -4.85 21.13 21.09
N GLY A 247 -4.04 21.99 20.48
CA GLY A 247 -3.47 21.71 19.18
C GLY A 247 -2.43 22.73 18.77
N GLY A 248 -2.08 22.72 17.49
CA GLY A 248 -1.04 23.57 16.97
C GLY A 248 -1.27 25.05 17.18
N GLU A 249 -2.53 25.47 17.18
CA GLU A 249 -2.87 26.89 17.43
C GLU A 249 -2.38 27.31 18.82
N ASP A 250 -2.41 26.38 19.77
CA ASP A 250 -1.94 26.67 21.13
C ASP A 250 -0.42 26.82 21.19
N PHE A 251 0.29 26.04 20.38
CA PHE A 251 1.75 26.24 20.25
C PHE A 251 2.09 27.59 19.61
N ASP A 252 1.34 27.98 18.59
CA ASP A 252 1.52 29.29 17.96
C ASP A 252 1.35 30.39 18.99
N GLN A 253 0.32 30.27 19.83
CA GLN A 253 0.00 31.29 20.81
C GLN A 253 1.13 31.45 21.86
N ARG A 254 1.76 30.34 22.23
CA ARG A 254 2.91 30.41 23.13
C ARG A 254 4.04 31.22 22.47
N VAL A 255 4.28 31.00 21.20
CA VAL A 255 5.31 31.75 20.45
C VAL A 255 4.92 33.23 20.25
N MET A 256 3.62 33.48 20.02
N MET A 256 3.63 33.50 20.03
CA MET A 256 3.09 34.84 19.90
CA MET A 256 3.18 34.88 19.87
C MET A 256 3.38 35.63 21.16
C MET A 256 3.34 35.66 21.18
N GLU A 257 3.06 35.02 22.30
CA GLU A 257 3.24 35.62 23.62
C GLU A 257 4.73 35.95 23.87
N HIS A 258 5.60 35.03 23.46
CA HIS A 258 7.05 35.26 23.47
C HIS A 258 7.47 36.53 22.69
N PHE A 259 7.04 36.66 21.44
CA PHE A 259 7.50 37.78 20.61
C PHE A 259 6.81 39.08 20.93
N ILE A 260 5.56 38.99 21.39
CA ILE A 260 4.86 40.18 21.86
C ILE A 260 5.59 40.75 23.07
N LYS A 261 5.97 39.89 24.02
CA LYS A 261 6.70 40.33 25.21
C LYS A 261 8.10 40.90 24.86
N LEU A 262 8.83 40.23 23.97
CA LEU A 262 10.15 40.70 23.53
C LEU A 262 10.06 42.07 22.85
N TYR A 263 9.07 42.24 21.97
CA TYR A 263 8.86 43.52 21.30
C TYR A 263 8.53 44.62 22.31
N LYS A 264 7.81 44.27 23.37
CA LYS A 264 7.51 45.23 24.44
C LYS A 264 8.74 45.61 25.25
N LYS A 265 9.56 44.63 25.62
CA LYS A 265 10.77 44.90 26.37
C LYS A 265 11.79 45.65 25.50
N LYS A 266 11.74 45.42 24.19
CA LYS A 266 12.67 46.05 23.25
C LYS A 266 12.28 47.49 22.86
N THR A 267 10.98 47.72 22.62
CA THR A 267 10.50 49.03 22.14
C THR A 267 9.66 49.79 23.17
N GLY A 268 9.18 49.11 24.21
CA GLY A 268 8.31 49.73 25.21
C GLY A 268 6.82 49.62 24.88
N LYS A 269 6.48 49.10 23.70
CA LYS A 269 5.10 49.15 23.18
C LYS A 269 4.40 47.80 23.03
N ASP A 270 3.09 47.80 23.27
CA ASP A 270 2.26 46.59 23.20
C ASP A 270 1.52 46.50 21.86
N VAL A 271 1.92 45.57 21.01
CA VAL A 271 1.36 45.43 19.66
C VAL A 271 -0.10 44.95 19.61
N ARG A 272 -0.61 44.41 20.71
CA ARG A 272 -1.99 43.87 20.74
C ARG A 272 -3.09 44.91 20.54
N LYS A 273 -2.73 46.18 20.54
CA LYS A 273 -3.69 47.25 20.26
C LYS A 273 -4.13 47.22 18.78
N ASP A 274 -3.29 46.67 17.90
CA ASP A 274 -3.57 46.62 16.47
C ASP A 274 -3.90 45.19 16.01
N ASN A 275 -5.19 44.93 15.78
CA ASN A 275 -5.69 43.62 15.24
C ASN A 275 -4.76 43.08 14.14
N ARG A 276 -4.48 43.94 13.15
CA ARG A 276 -3.82 43.50 11.93
C ARG A 276 -2.36 43.15 12.17
N ALA A 277 -1.72 43.80 13.14
CA ALA A 277 -0.34 43.46 13.52
C ALA A 277 -0.29 42.05 14.08
N VAL A 278 -1.20 41.77 15.03
CA VAL A 278 -1.32 40.45 15.62
C VAL A 278 -1.55 39.43 14.51
N GLN A 279 -2.50 39.72 13.63
CA GLN A 279 -2.77 38.85 12.48
C GLN A 279 -1.48 38.57 11.65
N LYS A 280 -0.75 39.64 11.33
CA LYS A 280 0.53 39.50 10.59
C LYS A 280 1.51 38.58 11.29
N LEU A 281 1.76 38.86 12.58
CA LEU A 281 2.66 38.06 13.40
C LEU A 281 2.20 36.60 13.50
N ARG A 282 0.89 36.39 13.65
CA ARG A 282 0.37 35.03 13.74
C ARG A 282 0.68 34.26 12.47
N ARG A 283 0.45 34.89 11.33
CA ARG A 283 0.74 34.22 10.05
C ARG A 283 2.22 33.85 9.94
N GLU A 284 3.09 34.75 10.37
CA GLU A 284 4.55 34.52 10.27
C GLU A 284 5.04 33.51 11.28
N VAL A 285 4.48 33.54 12.49
CA VAL A 285 4.82 32.57 13.54
C VAL A 285 4.43 31.15 13.12
N GLU A 286 3.23 31.01 12.57
CA GLU A 286 2.78 29.71 12.07
C GLU A 286 3.73 29.17 11.00
N LYS A 287 4.12 30.03 10.05
CA LYS A 287 5.05 29.64 8.98
C LYS A 287 6.40 29.20 9.57
N ALA A 288 6.87 29.93 10.58
CA ALA A 288 8.18 29.63 11.22
C ALA A 288 8.13 28.32 12.00
N LYS A 289 7.02 28.10 12.71
CA LYS A 289 6.79 26.84 13.37
C LYS A 289 6.94 25.70 12.38
N ARG A 290 6.28 25.81 11.24
CA ARG A 290 6.34 24.77 10.21
C ARG A 290 7.77 24.61 9.71
N ALA A 291 8.47 25.72 9.50
CA ALA A 291 9.88 25.64 9.07
C ALA A 291 10.73 24.85 10.10
N LEU A 292 10.44 25.05 11.37
CA LEU A 292 11.22 24.44 12.46
C LEU A 292 10.99 22.94 12.65
N SER A 293 10.01 22.37 11.96
CA SER A 293 9.92 20.90 11.90
C SER A 293 10.99 20.29 11.01
N SER A 294 11.66 21.09 10.16
CA SER A 294 12.72 20.55 9.30
C SER A 294 14.06 21.33 9.29
N GLN A 295 14.13 22.47 9.97
CA GLN A 295 15.40 23.19 10.15
C GLN A 295 15.50 23.62 11.61
N HIS A 296 16.65 24.13 12.03
CA HIS A 296 16.93 24.37 13.45
C HIS A 296 16.71 25.81 13.90
N GLN A 297 16.59 26.73 12.93
CA GLN A 297 16.18 28.11 13.22
C GLN A 297 15.35 28.70 12.08
N ALA A 298 14.58 29.73 12.40
CA ALA A 298 13.70 30.35 11.41
C ALA A 298 13.68 31.85 11.62
N ARG A 299 13.50 32.60 10.54
CA ARG A 299 13.45 34.04 10.59
C ARG A 299 11.99 34.48 10.51
N ILE A 300 11.61 35.40 11.39
CA ILE A 300 10.30 36.03 11.35
C ILE A 300 10.49 37.48 10.97
N GLU A 301 9.90 37.89 9.84
CA GLU A 301 10.08 39.23 9.27
C GLU A 301 8.74 39.82 8.81
N ILE A 302 8.49 41.06 9.22
CA ILE A 302 7.26 41.78 8.89
C ILE A 302 7.55 43.25 8.61
N GLU A 303 7.16 43.75 7.44
CA GLU A 303 7.23 45.19 7.17
C GLU A 303 5.94 45.85 7.65
N SER A 304 6.05 47.11 8.10
CA SER A 304 4.91 47.86 8.64
C SER A 304 4.21 47.04 9.71
N PHE A 305 5.00 46.44 10.60
CA PHE A 305 4.44 45.56 11.64
C PHE A 305 3.59 46.35 12.62
N TYR A 306 4.19 47.37 13.22
CA TYR A 306 3.52 48.18 14.22
C TYR A 306 4.02 49.61 14.07
N GLU A 307 3.10 50.56 14.03
CA GLU A 307 3.46 51.98 13.94
C GLU A 307 4.47 52.27 12.82
N GLY A 308 4.32 51.57 11.70
CA GLY A 308 5.19 51.76 10.54
C GLY A 308 6.64 51.35 10.77
N GLU A 309 6.86 50.47 11.73
CA GLU A 309 8.19 49.94 12.02
C GLU A 309 8.23 48.48 11.59
N ASP A 310 9.42 48.02 11.17
CA ASP A 310 9.59 46.67 10.69
C ASP A 310 9.91 45.74 11.84
N PHE A 311 9.52 44.48 11.71
CA PHE A 311 9.83 43.48 12.69
C PHE A 311 10.74 42.45 12.05
N SER A 312 11.80 42.10 12.77
CA SER A 312 12.74 41.08 12.32
C SER A 312 13.31 40.34 13.53
N GLU A 313 12.97 39.05 13.62
CA GLU A 313 13.43 38.22 14.72
C GLU A 313 13.65 36.80 14.26
N THR A 314 14.33 36.01 15.07
CA THR A 314 14.61 34.61 14.78
C THR A 314 14.08 33.75 15.91
N LEU A 315 13.80 32.49 15.60
CA LEU A 315 13.32 31.53 16.58
C LEU A 315 14.04 30.22 16.31
N THR A 316 14.70 29.67 17.33
CA THR A 316 15.36 28.35 17.21
C THR A 316 14.38 27.24 17.52
N ARG A 317 14.70 26.04 17.05
CA ARG A 317 13.88 24.88 17.39
C ARG A 317 13.87 24.63 18.90
N ALA A 318 15.02 24.82 19.54
CA ALA A 318 15.13 24.61 21.01
C ALA A 318 14.20 25.55 21.79
N LYS A 319 14.11 26.79 21.33
CA LYS A 319 13.26 27.78 22.00
C LYS A 319 11.80 27.43 21.77
N PHE A 320 11.45 27.06 20.54
CA PHE A 320 10.10 26.62 20.25
C PHE A 320 9.66 25.45 21.18
N GLU A 321 10.56 24.48 21.38
CA GLU A 321 10.28 23.32 22.26
C GLU A 321 10.18 23.74 23.72
N GLU A 322 11.10 24.59 24.17
CA GLU A 322 11.07 25.08 25.54
C GLU A 322 9.75 25.83 25.81
N LEU A 323 9.29 26.64 24.86
CA LEU A 323 8.05 27.42 25.07
C LEU A 323 6.79 26.56 25.17
N ASN A 324 6.86 25.32 24.68
CA ASN A 324 5.70 24.46 24.55
C ASN A 324 5.82 23.11 25.26
N MET A 325 6.89 22.92 26.03
CA MET A 325 7.21 21.56 26.50
C MET A 325 6.11 20.98 27.38
N ASP A 326 5.57 21.82 28.28
CA ASP A 326 4.45 21.39 29.12
C ASP A 326 3.25 20.91 28.30
N LEU A 327 2.92 21.64 27.23
CA LEU A 327 1.79 21.26 26.39
C LEU A 327 2.08 19.94 25.66
N PHE A 328 3.30 19.81 25.15
CA PHE A 328 3.71 18.58 24.46
C PHE A 328 3.60 17.39 25.43
N ARG A 329 4.13 17.55 26.64
N ARG A 329 4.15 17.55 26.65
CA ARG A 329 4.12 16.47 27.62
CA ARG A 329 4.14 16.49 27.65
C ARG A 329 2.72 16.11 28.10
C ARG A 329 2.72 16.11 28.08
N SER A 330 1.80 17.09 28.09
CA SER A 330 0.38 16.84 28.44
C SER A 330 -0.37 15.87 27.50
N THR A 331 0.16 15.65 26.30
CA THR A 331 -0.49 14.73 25.36
C THR A 331 -0.38 13.25 25.75
N MET A 332 0.50 12.91 26.69
CA MET A 332 0.69 11.51 27.08
C MET A 332 -0.42 11.01 28.02
N LYS A 333 -0.99 11.91 28.81
CA LYS A 333 -2.02 11.50 29.79
C LYS A 333 -3.25 10.85 29.13
N PRO A 334 -3.79 11.48 28.06
CA PRO A 334 -4.91 10.81 27.41
C PRO A 334 -4.56 9.46 26.76
N VAL A 335 -3.30 9.27 26.37
CA VAL A 335 -2.85 7.98 25.81
C VAL A 335 -2.92 6.94 26.91
N GLN A 336 -2.38 7.28 28.08
CA GLN A 336 -2.44 6.39 29.23
C GLN A 336 -3.90 6.07 29.62
N LYS A 337 -4.79 7.06 29.53
CA LYS A 337 -6.21 6.84 29.87
C LYS A 337 -6.88 5.87 28.87
N VAL A 338 -6.52 5.98 27.59
CA VAL A 338 -7.11 5.14 26.56
C VAL A 338 -6.71 3.69 26.78
N LEU A 339 -5.44 3.48 27.15
CA LEU A 339 -4.93 2.15 27.49
C LEU A 339 -5.67 1.56 28.70
N GLU A 340 -5.74 2.32 29.79
CA GLU A 340 -6.49 1.93 30.99
C GLU A 340 -7.91 1.48 30.67
N ASP A 341 -8.64 2.33 29.94
CA ASP A 341 -10.03 2.07 29.55
C ASP A 341 -10.21 0.89 28.58
N SER A 342 -9.17 0.58 27.80
CA SER A 342 -9.18 -0.56 26.89
C SER A 342 -8.67 -1.85 27.57
N ASP A 343 -8.27 -1.75 28.83
CA ASP A 343 -7.64 -2.86 29.56
C ASP A 343 -6.37 -3.37 28.86
N LEU A 344 -5.57 -2.43 28.36
CA LEU A 344 -4.32 -2.75 27.66
C LEU A 344 -3.14 -2.06 28.30
N LYS A 345 -1.96 -2.65 28.14
CA LYS A 345 -0.69 -2.00 28.49
C LYS A 345 0.03 -1.61 27.18
N LYS A 346 1.09 -0.83 27.30
CA LYS A 346 1.84 -0.35 26.12
C LYS A 346 2.22 -1.47 25.16
N SER A 347 2.73 -2.57 25.71
CA SER A 347 3.18 -3.71 24.90
C SER A 347 2.04 -4.37 24.11
N ASP A 348 0.79 -4.10 24.47
CA ASP A 348 -0.34 -4.65 23.72
C ASP A 348 -0.59 -3.89 22.39
N ILE A 349 0.04 -2.72 22.22
CA ILE A 349 -0.16 -1.92 21.01
C ILE A 349 0.74 -2.42 19.88
N ASP A 350 0.11 -2.87 18.80
CA ASP A 350 0.82 -3.47 17.65
C ASP A 350 1.19 -2.41 16.59
N GLU A 351 0.37 -1.36 16.48
CA GLU A 351 0.62 -0.25 15.52
C GLU A 351 0.36 1.08 16.16
N ILE A 352 1.21 2.05 15.86
CA ILE A 352 1.02 3.43 16.29
C ILE A 352 0.94 4.30 15.06
N VAL A 353 -0.15 5.06 14.94
CA VAL A 353 -0.37 5.89 13.78
C VAL A 353 -0.44 7.34 14.22
N LEU A 354 0.48 8.15 13.67
CA LEU A 354 0.48 9.60 13.94
C LEU A 354 -0.34 10.33 12.89
N VAL A 355 -1.28 11.14 13.37
CA VAL A 355 -2.18 11.88 12.51
C VAL A 355 -2.17 13.35 12.95
N GLY A 356 -2.41 14.24 12.01
CA GLY A 356 -2.50 15.66 12.32
C GLY A 356 -1.24 16.40 12.05
N GLY A 357 -1.38 17.65 11.61
CA GLY A 357 -0.22 18.45 11.22
C GLY A 357 0.82 18.66 12.29
N SER A 358 0.38 18.68 13.56
CA SER A 358 1.28 18.96 14.65
C SER A 358 2.19 17.75 14.95
N THR A 359 1.86 16.56 14.45
CA THR A 359 2.76 15.42 14.62
C THR A 359 3.97 15.51 13.69
N ARG A 360 4.00 16.53 12.83
CA ARG A 360 5.22 16.85 12.09
C ARG A 360 6.33 17.39 13.00
N ILE A 361 5.97 17.85 14.22
CA ILE A 361 6.92 18.41 15.18
C ILE A 361 7.87 17.30 15.67
N PRO A 362 9.18 17.46 15.43
CA PRO A 362 10.13 16.41 15.87
C PRO A 362 9.99 16.00 17.34
N LYS A 363 9.78 16.98 18.23
CA LYS A 363 9.63 16.67 19.66
C LYS A 363 8.41 15.80 19.97
N ILE A 364 7.30 16.04 19.27
CA ILE A 364 6.10 15.24 19.46
C ILE A 364 6.38 13.80 19.00
N GLN A 365 7.02 13.65 17.85
CA GLN A 365 7.40 12.30 17.38
C GLN A 365 8.29 11.60 18.39
N GLN A 366 9.28 12.33 18.93
CA GLN A 366 10.16 11.78 19.95
C GLN A 366 9.40 11.34 21.20
N LEU A 367 8.50 12.19 21.68
CA LEU A 367 7.76 11.88 22.90
C LEU A 367 6.86 10.64 22.79
N VAL A 368 6.20 10.46 21.66
CA VAL A 368 5.32 9.30 21.46
C VAL A 368 6.17 8.01 21.39
N LYS A 369 7.28 8.07 20.66
CA LYS A 369 8.18 6.93 20.58
C LYS A 369 8.70 6.52 21.96
N GLU A 370 9.14 7.51 22.74
CA GLU A 370 9.62 7.29 24.10
C GLU A 370 8.52 6.71 25.01
N PHE A 371 7.31 7.24 24.90
CA PHE A 371 6.18 6.69 25.65
C PHE A 371 6.02 5.18 25.35
N PHE A 372 6.28 4.79 24.11
CA PHE A 372 6.14 3.38 23.69
C PHE A 372 7.47 2.64 23.66
N ASN A 373 8.42 3.10 24.46
CA ASN A 373 9.68 2.41 24.71
C ASN A 373 10.48 2.11 23.44
N GLY A 374 10.48 3.05 22.51
CA GLY A 374 11.28 2.98 21.31
C GLY A 374 10.57 2.48 20.06
N LYS A 375 9.28 2.14 20.18
CA LYS A 375 8.54 1.61 19.04
C LYS A 375 8.33 2.67 17.95
N GLU A 376 8.69 2.31 16.72
CA GLU A 376 8.48 3.23 15.58
C GLU A 376 7.01 3.30 15.21
N PRO A 377 6.49 4.49 14.94
CA PRO A 377 5.13 4.58 14.43
C PRO A 377 5.10 4.27 12.93
N SER A 378 3.91 4.06 12.36
CA SER A 378 3.79 4.01 10.90
C SER A 378 4.37 5.29 10.27
N ARG A 379 4.81 5.20 9.02
CA ARG A 379 5.56 6.29 8.42
C ARG A 379 5.35 6.30 6.91
N GLY A 380 5.30 7.49 6.30
CA GLY A 380 5.36 7.58 4.84
C GLY A 380 4.21 8.34 4.19
N ILE A 381 3.17 8.60 4.96
CA ILE A 381 2.09 9.47 4.53
C ILE A 381 2.10 10.73 5.40
N ASN A 382 2.10 11.89 4.77
CA ASN A 382 2.02 13.15 5.51
C ASN A 382 0.84 13.10 6.47
N PRO A 383 1.08 13.40 7.76
CA PRO A 383 0.05 13.21 8.77
C PRO A 383 -1.18 14.09 8.64
N ASP A 384 -1.02 15.28 8.04
CA ASP A 384 -2.19 16.14 7.80
C ASP A 384 -2.98 15.73 6.56
N GLU A 385 -2.49 14.74 5.84
CA GLU A 385 -3.17 14.22 4.64
C GLU A 385 -3.67 12.79 4.81
N ALA A 386 -3.21 12.08 5.84
CA ALA A 386 -3.52 10.67 6.02
C ALA A 386 -5.03 10.37 6.10
N VAL A 387 -5.79 11.23 6.78
CA VAL A 387 -7.25 11.01 6.88
C VAL A 387 -7.95 11.11 5.51
N ALA A 388 -7.67 12.19 4.77
CA ALA A 388 -8.16 12.32 3.41
C ALA A 388 -7.71 11.13 2.54
N TYR A 389 -6.45 10.72 2.71
CA TYR A 389 -5.89 9.60 1.94
C TYR A 389 -6.72 8.31 2.11
N GLY A 390 -7.01 7.93 3.36
CA GLY A 390 -7.84 6.74 3.63
C GLY A 390 -9.25 6.91 3.11
N ALA A 391 -9.79 8.12 3.24
CA ALA A 391 -11.10 8.41 2.63
C ALA A 391 -11.07 8.20 1.11
N ALA A 392 -9.96 8.60 0.48
CA ALA A 392 -9.81 8.46 -0.96
C ALA A 392 -9.62 7.01 -1.37
N VAL A 393 -8.95 6.23 -0.52
CA VAL A 393 -8.85 4.78 -0.73
C VAL A 393 -10.24 4.15 -0.83
N GLN A 394 -11.13 4.50 0.09
CA GLN A 394 -12.47 3.94 0.11
C GLN A 394 -13.28 4.48 -1.05
N ALA A 395 -13.11 5.77 -1.34
CA ALA A 395 -13.75 6.40 -2.49
C ALA A 395 -13.36 5.72 -3.83
N GLY A 396 -12.09 5.31 -3.96
CA GLY A 396 -11.62 4.58 -5.15
C GLY A 396 -12.41 3.31 -5.42
N VAL A 397 -12.67 2.54 -4.38
CA VAL A 397 -13.45 1.30 -4.53
C VAL A 397 -14.89 1.63 -4.93
N LEU A 398 -15.47 2.68 -4.35
CA LEU A 398 -16.85 3.07 -4.64
C LEU A 398 -16.99 3.67 -6.04
N SER A 399 -15.91 4.26 -6.55
CA SER A 399 -15.88 4.75 -7.93
C SER A 399 -15.87 3.56 -8.91
N GLY A 400 -15.22 2.46 -8.52
CA GLY A 400 -15.26 1.21 -9.29
C GLY A 400 -14.33 1.20 -10.49
N ASP B 19 -9.25 -1.11 -29.33
CA ASP B 19 -9.36 -0.76 -27.89
C ASP B 19 -8.68 -1.81 -27.01
N VAL B 20 -7.96 -1.34 -25.99
CA VAL B 20 -7.19 -2.25 -25.13
C VAL B 20 -8.08 -3.05 -24.19
N GLY B 21 -9.29 -2.58 -23.90
CA GLY B 21 -10.19 -3.30 -23.00
C GLY B 21 -9.63 -3.41 -21.58
N THR B 22 -9.83 -4.56 -20.95
CA THR B 22 -9.22 -4.84 -19.67
C THR B 22 -7.90 -5.54 -19.90
N VAL B 23 -6.81 -4.82 -19.64
CA VAL B 23 -5.48 -5.35 -19.86
C VAL B 23 -5.19 -6.31 -18.71
N VAL B 24 -4.57 -7.44 -19.02
CA VAL B 24 -4.21 -8.41 -17.98
C VAL B 24 -2.72 -8.34 -17.67
N GLY B 25 -2.38 -8.76 -16.45
CA GLY B 25 -0.98 -8.86 -16.02
C GLY B 25 -0.62 -10.31 -15.89
N ILE B 26 0.42 -10.75 -16.60
CA ILE B 26 0.77 -12.15 -16.59
C ILE B 26 2.21 -12.38 -16.14
N ASP B 27 2.36 -13.25 -15.14
CA ASP B 27 3.65 -13.84 -14.76
C ASP B 27 3.76 -15.14 -15.55
N LEU B 28 4.67 -15.18 -16.53
CA LEU B 28 4.93 -16.40 -17.30
C LEU B 28 6.17 -17.06 -16.70
N GLY B 29 5.94 -18.05 -15.84
CA GLY B 29 7.02 -18.67 -15.10
C GLY B 29 7.64 -19.88 -15.74
N THR B 30 8.82 -20.23 -15.27
CA THR B 30 9.45 -21.45 -15.75
C THR B 30 8.54 -22.65 -15.45
N THR B 31 7.99 -22.69 -14.22
CA THR B 31 7.20 -23.81 -13.77
C THR B 31 5.70 -23.48 -13.59
N TYR B 32 5.38 -22.29 -13.09
CA TYR B 32 3.99 -21.88 -12.87
C TYR B 32 3.78 -20.45 -13.31
N SER B 33 2.64 -20.21 -13.92
CA SER B 33 2.23 -18.91 -14.40
C SER B 33 1.00 -18.43 -13.65
N CYS B 34 0.79 -17.12 -13.67
CA CYS B 34 -0.26 -16.49 -12.89
C CYS B 34 -0.77 -15.26 -13.63
N VAL B 35 -2.09 -15.01 -13.56
CA VAL B 35 -2.69 -13.87 -14.24
C VAL B 35 -3.59 -13.08 -13.30
N GLY B 36 -3.53 -11.76 -13.43
CA GLY B 36 -4.29 -10.86 -12.61
C GLY B 36 -4.84 -9.72 -13.45
N VAL B 37 -5.85 -9.06 -12.91
CA VAL B 37 -6.43 -7.85 -13.47
C VAL B 37 -6.73 -6.81 -12.39
N PHE B 38 -6.97 -5.58 -12.80
CA PHE B 38 -7.36 -4.52 -11.91
C PHE B 38 -8.85 -4.29 -12.11
N LYS B 39 -9.65 -4.59 -11.10
CA LYS B 39 -11.09 -4.53 -11.26
C LYS B 39 -11.73 -3.97 -9.99
N ASN B 40 -12.71 -3.08 -10.17
CA ASN B 40 -13.38 -2.43 -9.05
C ASN B 40 -12.37 -1.85 -8.04
N GLY B 41 -11.32 -1.24 -8.55
CA GLY B 41 -10.37 -0.52 -7.72
C GLY B 41 -9.31 -1.33 -7.00
N ARG B 42 -9.12 -2.59 -7.36
CA ARG B 42 -8.06 -3.42 -6.76
C ARG B 42 -7.63 -4.51 -7.70
N VAL B 43 -6.47 -5.11 -7.41
CA VAL B 43 -6.00 -6.26 -8.14
C VAL B 43 -6.80 -7.50 -7.71
N GLU B 44 -7.13 -8.32 -8.71
CA GLU B 44 -7.74 -9.64 -8.52
C GLU B 44 -6.85 -10.65 -9.21
N ILE B 45 -6.35 -11.61 -8.45
CA ILE B 45 -5.65 -12.74 -9.04
C ILE B 45 -6.72 -13.79 -9.40
N ILE B 46 -6.69 -14.27 -10.65
CA ILE B 46 -7.78 -15.08 -11.19
C ILE B 46 -7.46 -16.57 -11.12
N ALA B 47 -8.40 -17.34 -10.58
CA ALA B 47 -8.20 -18.78 -10.49
C ALA B 47 -8.58 -19.43 -11.82
N ASN B 48 -7.92 -20.53 -12.13
CA ASN B 48 -8.20 -21.27 -13.36
C ASN B 48 -9.39 -22.24 -13.16
N ASP B 49 -9.72 -23.02 -14.19
CA ASP B 49 -10.88 -23.93 -14.15
C ASP B 49 -10.77 -25.05 -13.09
N GLN B 50 -9.55 -25.29 -12.58
CA GLN B 50 -9.29 -26.27 -11.54
C GLN B 50 -9.27 -25.64 -10.15
N GLY B 51 -9.54 -24.33 -10.11
CA GLY B 51 -9.62 -23.60 -8.84
C GLY B 51 -8.27 -23.11 -8.33
N ASN B 52 -7.24 -23.13 -9.18
CA ASN B 52 -5.88 -22.78 -8.76
C ASN B 52 -5.47 -21.38 -9.23
N ARG B 53 -4.90 -20.61 -8.32
CA ARG B 53 -4.49 -19.23 -8.64
C ARG B 53 -3.13 -19.17 -9.37
N ILE B 54 -2.47 -20.33 -9.52
CA ILE B 54 -1.32 -20.49 -10.40
C ILE B 54 -1.57 -21.70 -11.32
N THR B 55 -0.98 -21.67 -12.51
CA THR B 55 -1.17 -22.69 -13.54
C THR B 55 0.19 -23.19 -14.01
N PRO B 56 0.40 -24.53 -14.01
CA PRO B 56 1.70 -25.03 -14.49
C PRO B 56 1.99 -24.69 -15.95
N SER B 57 3.24 -24.37 -16.25
CA SER B 57 3.63 -23.97 -17.57
C SER B 57 3.95 -25.22 -18.37
N TYR B 58 2.91 -26.04 -18.55
CA TYR B 58 3.00 -27.39 -19.10
C TYR B 58 2.02 -27.53 -20.24
N VAL B 59 2.45 -28.25 -21.27
CA VAL B 59 1.61 -28.59 -22.42
C VAL B 59 1.76 -30.09 -22.64
N ALA B 60 0.69 -30.77 -23.04
CA ALA B 60 0.77 -32.19 -23.42
C ALA B 60 -0.12 -32.43 -24.62
N PHE B 61 0.29 -33.35 -25.49
CA PHE B 61 -0.57 -33.81 -26.59
C PHE B 61 -0.91 -35.26 -26.40
N THR B 62 -2.21 -35.61 -26.43
CA THR B 62 -2.63 -37.00 -26.23
C THR B 62 -2.61 -37.80 -27.54
N PRO B 63 -2.56 -39.13 -27.44
CA PRO B 63 -2.64 -39.99 -28.63
C PRO B 63 -3.85 -39.68 -29.51
N GLU B 64 -4.98 -39.36 -28.88
CA GLU B 64 -6.20 -39.00 -29.59
C GLU B 64 -6.08 -37.65 -30.31
N GLY B 65 -5.09 -36.85 -29.93
CA GLY B 65 -4.83 -35.58 -30.57
C GLY B 65 -5.20 -34.38 -29.73
N GLU B 66 -5.66 -34.59 -28.49
CA GLU B 66 -6.07 -33.49 -27.63
C GLU B 66 -4.84 -32.71 -27.16
N ARG B 67 -4.95 -31.39 -27.08
CA ARG B 67 -3.88 -30.58 -26.55
C ARG B 67 -4.28 -30.13 -25.16
N LEU B 68 -3.52 -30.56 -24.15
CA LEU B 68 -3.78 -30.22 -22.75
C LEU B 68 -2.81 -29.13 -22.34
N ILE B 69 -3.29 -28.15 -21.58
CA ILE B 69 -2.43 -27.08 -21.08
C ILE B 69 -2.67 -26.89 -19.59
N GLY B 70 -1.60 -26.71 -18.85
CA GLY B 70 -1.68 -26.39 -17.44
C GLY B 70 -1.84 -27.62 -16.59
N ASP B 71 -2.75 -27.55 -15.61
CA ASP B 71 -2.90 -28.61 -14.63
C ASP B 71 -3.19 -29.98 -15.30
N ALA B 72 -4.03 -29.96 -16.33
CA ALA B 72 -4.40 -31.19 -17.02
C ALA B 72 -3.22 -31.87 -17.71
N ALA B 73 -2.27 -31.05 -18.18
CA ALA B 73 -1.07 -31.54 -18.82
C ALA B 73 -0.09 -32.07 -17.77
N LYS B 74 0.05 -31.34 -16.66
CA LYS B 74 1.00 -31.72 -15.62
C LYS B 74 0.55 -33.00 -14.94
N ASN B 75 -0.75 -33.16 -14.74
CA ASN B 75 -1.29 -34.28 -13.94
C ASN B 75 -1.89 -35.44 -14.75
N GLN B 76 -1.44 -35.64 -15.97
CA GLN B 76 -1.91 -36.79 -16.76
C GLN B 76 -1.81 -38.14 -16.01
N SER B 79 0.15 -41.06 -18.67
CA SER B 79 1.61 -41.09 -18.81
C SER B 79 2.05 -40.89 -20.27
N ASN B 80 2.99 -39.99 -20.47
CA ASN B 80 3.26 -39.44 -21.79
C ASN B 80 4.58 -38.67 -21.77
N PRO B 81 5.72 -39.39 -21.59
CA PRO B 81 6.97 -38.70 -21.24
C PRO B 81 7.54 -37.82 -22.34
N GLU B 82 7.37 -38.25 -23.59
CA GLU B 82 7.95 -37.55 -24.73
C GLU B 82 7.06 -36.49 -25.34
N ASN B 83 5.75 -36.56 -25.14
CA ASN B 83 4.85 -35.56 -25.75
C ASN B 83 4.27 -34.60 -24.71
N THR B 84 4.95 -34.50 -23.57
CA THR B 84 4.65 -33.49 -22.55
C THR B 84 5.80 -32.50 -22.57
N VAL B 85 5.50 -31.20 -22.61
CA VAL B 85 6.51 -30.18 -22.79
C VAL B 85 6.37 -29.20 -21.61
N PHE B 86 7.50 -28.85 -21.03
CA PHE B 86 7.59 -27.91 -19.93
C PHE B 86 8.96 -27.23 -20.02
N ASP B 87 9.23 -26.29 -19.10
CA ASP B 87 10.53 -25.61 -19.04
C ASP B 87 10.90 -24.90 -20.35
N ALA B 88 9.92 -24.51 -21.14
CA ALA B 88 10.21 -23.81 -22.40
C ALA B 88 10.93 -22.45 -22.16
N LYS B 89 10.69 -21.86 -20.99
CA LYS B 89 11.39 -20.63 -20.57
C LYS B 89 12.92 -20.77 -20.52
N ARG B 90 13.42 -21.98 -20.29
CA ARG B 90 14.87 -22.25 -20.36
C ARG B 90 15.45 -22.10 -21.76
N LEU B 91 14.60 -22.25 -22.76
CA LEU B 91 15.01 -22.27 -24.16
C LEU B 91 14.62 -21.00 -24.91
N ILE B 92 13.64 -20.28 -24.41
CA ILE B 92 13.10 -19.16 -25.16
C ILE B 92 14.14 -18.05 -25.43
N GLY B 93 14.14 -17.53 -26.64
CA GLY B 93 15.06 -16.45 -27.03
C GLY B 93 16.53 -16.86 -27.15
N ARG B 94 16.78 -18.17 -27.16
CA ARG B 94 18.15 -18.70 -27.26
C ARG B 94 18.36 -19.48 -28.56
N THR B 95 19.60 -19.47 -29.04
CA THR B 95 19.97 -20.26 -30.20
C THR B 95 20.18 -21.71 -29.80
N TRP B 96 20.04 -22.60 -30.78
CA TRP B 96 20.29 -24.03 -30.59
C TRP B 96 21.69 -24.31 -30.01
N ASN B 97 22.70 -23.63 -30.54
CA ASN B 97 24.08 -23.88 -30.12
C ASN B 97 24.53 -23.09 -28.86
N ASP B 98 23.66 -22.30 -28.27
CA ASP B 98 23.91 -21.65 -26.95
C ASP B 98 24.35 -22.74 -25.96
N PRO B 99 25.52 -22.57 -25.31
CA PRO B 99 25.95 -23.59 -24.37
C PRO B 99 24.92 -23.92 -23.27
N SER B 100 24.10 -22.94 -22.87
CA SER B 100 23.03 -23.14 -21.89
C SER B 100 21.95 -24.11 -22.40
N VAL B 101 21.58 -23.95 -23.67
CA VAL B 101 20.62 -24.83 -24.33
C VAL B 101 21.21 -26.24 -24.42
N GLN B 102 22.45 -26.34 -24.86
CA GLN B 102 23.08 -27.66 -25.02
C GLN B 102 23.21 -28.40 -23.70
N GLN B 103 23.38 -27.68 -22.61
CA GLN B 103 23.34 -28.31 -21.29
C GLN B 103 21.91 -28.72 -20.90
N ASP B 104 20.94 -27.83 -21.03
CA ASP B 104 19.55 -28.12 -20.62
C ASP B 104 18.88 -29.25 -21.39
N ILE B 105 19.16 -29.36 -22.68
CA ILE B 105 18.52 -30.42 -23.48
C ILE B 105 18.92 -31.83 -22.99
N LYS B 106 20.03 -31.93 -22.29
CA LYS B 106 20.43 -33.22 -21.71
C LYS B 106 19.43 -33.72 -20.66
N PHE B 107 18.81 -32.79 -19.94
CA PHE B 107 17.97 -33.10 -18.79
C PHE B 107 16.47 -33.09 -19.12
N LEU B 108 16.13 -32.57 -20.30
CA LEU B 108 14.76 -32.50 -20.74
C LEU B 108 14.37 -33.80 -21.42
N PRO B 109 13.22 -34.41 -21.05
CA PRO B 109 12.85 -35.73 -21.56
C PRO B 109 12.22 -35.69 -22.95
N PHE B 110 11.73 -34.53 -23.39
CA PHE B 110 11.17 -34.38 -24.75
C PHE B 110 12.28 -34.02 -25.71
N LYS B 111 12.04 -34.23 -27.00
CA LYS B 111 13.09 -34.06 -28.00
C LYS B 111 13.22 -32.59 -28.37
N VAL B 112 14.46 -32.14 -28.50
CA VAL B 112 14.76 -30.76 -28.93
C VAL B 112 15.69 -30.86 -30.11
N VAL B 113 15.36 -30.15 -31.17
CA VAL B 113 16.11 -30.26 -32.41
C VAL B 113 16.43 -28.89 -32.99
N GLU B 114 17.52 -28.82 -33.76
CA GLU B 114 17.94 -27.57 -34.37
C GLU B 114 17.04 -27.25 -35.56
N LYS B 115 16.39 -26.10 -35.50
CA LYS B 115 15.59 -25.64 -36.63
C LYS B 115 15.59 -24.11 -36.68
N LYS B 116 15.88 -23.56 -37.86
CA LYS B 116 16.00 -22.11 -38.06
C LYS B 116 16.89 -21.47 -36.98
N THR B 117 18.01 -22.15 -36.69
CA THR B 117 19.02 -21.73 -35.68
C THR B 117 18.61 -21.86 -34.24
N LYS B 118 17.40 -22.39 -33.99
CA LYS B 118 16.80 -22.36 -32.67
C LYS B 118 16.52 -23.79 -32.17
N PRO B 119 16.35 -23.95 -30.85
CA PRO B 119 15.93 -25.25 -30.31
C PRO B 119 14.43 -25.44 -30.37
N TYR B 120 13.97 -26.16 -31.38
CA TYR B 120 12.56 -26.43 -31.54
C TYR B 120 12.23 -27.72 -30.78
N ILE B 121 11.03 -27.77 -30.23
CA ILE B 121 10.56 -28.96 -29.55
C ILE B 121 9.83 -29.81 -30.55
N GLN B 122 10.13 -31.11 -30.55
CA GLN B 122 9.53 -32.04 -31.46
C GLN B 122 8.67 -33.02 -30.66
N VAL B 123 7.39 -33.08 -30.96
CA VAL B 123 6.47 -34.02 -30.31
C VAL B 123 5.55 -34.70 -31.31
N ASP B 124 4.90 -35.77 -30.86
CA ASP B 124 3.83 -36.44 -31.61
C ASP B 124 2.47 -35.84 -31.18
N ILE B 125 1.77 -35.14 -32.08
CA ILE B 125 0.51 -34.42 -31.72
C ILE B 125 -0.73 -35.29 -31.76
N GLY B 126 -0.55 -36.55 -32.16
CA GLY B 126 -1.63 -37.53 -32.22
C GLY B 126 -1.42 -38.47 -33.39
N GLY B 127 -1.62 -39.77 -33.16
CA GLY B 127 -1.56 -40.77 -34.21
C GLY B 127 -0.24 -40.89 -34.99
N GLY B 128 0.87 -40.56 -34.36
CA GLY B 128 2.18 -40.65 -35.04
C GLY B 128 2.52 -39.45 -35.91
N GLN B 129 1.75 -38.37 -35.76
CA GLN B 129 1.96 -37.15 -36.52
C GLN B 129 2.94 -36.30 -35.74
N THR B 130 4.12 -36.07 -36.31
CA THR B 130 5.18 -35.33 -35.64
C THR B 130 5.08 -33.85 -35.97
N LYS B 131 5.30 -33.00 -34.95
CA LYS B 131 5.27 -31.54 -35.12
C LYS B 131 6.40 -30.91 -34.35
N THR B 132 6.92 -29.81 -34.88
CA THR B 132 7.95 -29.06 -34.19
C THR B 132 7.42 -27.68 -33.79
N PHE B 133 7.75 -27.27 -32.58
CA PHE B 133 7.32 -25.99 -32.07
C PHE B 133 8.52 -25.21 -31.57
N ALA B 134 8.58 -23.94 -31.93
CA ALA B 134 9.56 -23.05 -31.35
C ALA B 134 9.23 -22.89 -29.88
N PRO B 135 10.25 -22.60 -29.05
CA PRO B 135 9.95 -22.38 -27.63
C PRO B 135 8.87 -21.31 -27.39
N GLU B 136 8.83 -20.26 -28.24
CA GLU B 136 7.80 -19.21 -28.07
C GLU B 136 6.39 -19.70 -28.46
N GLU B 137 6.31 -20.72 -29.31
CA GLU B 137 5.03 -21.36 -29.61
C GLU B 137 4.50 -22.15 -28.45
N ILE B 138 5.39 -22.84 -27.73
CA ILE B 138 4.99 -23.50 -26.47
C ILE B 138 4.56 -22.47 -25.41
N SER B 139 5.33 -21.42 -25.24
CA SER B 139 4.92 -20.36 -24.32
C SER B 139 3.63 -19.66 -24.71
N ALA B 140 3.39 -19.55 -26.02
CA ALA B 140 2.12 -19.00 -26.52
C ALA B 140 0.92 -19.86 -26.12
N MET B 141 1.11 -21.17 -26.07
CA MET B 141 0.06 -22.07 -25.58
C MET B 141 -0.24 -21.81 -24.10
N VAL B 142 0.79 -21.63 -23.29
CA VAL B 142 0.61 -21.29 -21.87
C VAL B 142 -0.09 -19.93 -21.74
N LEU B 143 0.34 -18.95 -22.54
CA LEU B 143 -0.31 -17.63 -22.53
C LEU B 143 -1.76 -17.71 -22.99
N THR B 144 -2.08 -18.58 -23.95
CA THR B 144 -3.44 -18.77 -24.38
C THR B 144 -4.30 -19.28 -23.22
N LYS B 145 -3.77 -20.21 -22.45
CA LYS B 145 -4.50 -20.74 -21.27
C LYS B 145 -4.72 -19.61 -20.21
N MET B 146 -3.73 -18.77 -20.01
CA MET B 146 -3.83 -17.67 -19.06
C MET B 146 -4.86 -16.68 -19.55
N LYS B 147 -4.83 -16.40 -20.85
CA LYS B 147 -5.83 -15.50 -21.48
C LYS B 147 -7.26 -16.05 -21.27
N GLU B 148 -7.47 -17.33 -21.53
CA GLU B 148 -8.81 -17.95 -21.38
C GLU B 148 -9.30 -17.92 -19.93
N THR B 149 -8.37 -18.13 -18.99
CA THR B 149 -8.65 -18.05 -17.55
C THR B 149 -9.21 -16.66 -17.23
N ALA B 150 -8.54 -15.62 -17.74
CA ALA B 150 -8.99 -14.24 -17.53
C ALA B 150 -10.29 -13.99 -18.20
N GLU B 151 -10.45 -14.52 -19.42
CA GLU B 151 -11.66 -14.26 -20.20
C GLU B 151 -12.91 -14.85 -19.52
N ALA B 152 -12.76 -16.01 -18.92
CA ALA B 152 -13.84 -16.67 -18.19
C ALA B 152 -14.25 -15.83 -16.98
N TYR B 153 -13.26 -15.28 -16.30
CA TYR B 153 -13.49 -14.41 -15.15
C TYR B 153 -14.18 -13.10 -15.55
N LEU B 154 -13.67 -12.47 -16.61
CA LEU B 154 -14.16 -11.16 -17.05
C LEU B 154 -15.48 -11.21 -17.84
N GLY B 155 -15.77 -12.35 -18.47
CA GLY B 155 -16.94 -12.45 -19.35
C GLY B 155 -16.80 -11.63 -20.62
N LYS B 156 -15.58 -11.46 -21.10
CA LYS B 156 -15.33 -10.75 -22.34
C LYS B 156 -13.96 -11.07 -22.88
N LYS B 157 -13.71 -10.66 -24.11
CA LYS B 157 -12.44 -10.96 -24.78
C LYS B 157 -11.25 -10.19 -24.14
N VAL B 158 -10.10 -10.84 -24.01
CA VAL B 158 -8.88 -10.18 -23.58
C VAL B 158 -7.94 -10.09 -24.79
N THR B 159 -7.46 -8.87 -25.06
CA THR B 159 -6.61 -8.64 -26.22
C THR B 159 -5.21 -8.08 -25.90
N HIS B 160 -5.01 -7.59 -24.69
CA HIS B 160 -3.81 -6.81 -24.36
C HIS B 160 -3.28 -7.26 -23.02
N ALA B 161 -1.93 -7.29 -22.90
CA ALA B 161 -1.27 -7.76 -21.68
C ALA B 161 0.01 -7.04 -21.31
N VAL B 162 0.27 -7.02 -20.01
CA VAL B 162 1.61 -6.74 -19.50
C VAL B 162 2.19 -8.10 -19.08
N VAL B 163 3.40 -8.40 -19.56
CA VAL B 163 4.05 -9.68 -19.25
C VAL B 163 5.42 -9.44 -18.66
N THR B 164 5.74 -10.29 -17.68
CA THR B 164 6.94 -10.15 -16.91
C THR B 164 8.00 -11.13 -17.39
N VAL B 165 9.25 -10.73 -17.19
CA VAL B 165 10.42 -11.55 -17.50
C VAL B 165 11.47 -11.41 -16.39
N PRO B 166 12.35 -12.40 -16.27
CA PRO B 166 13.48 -12.20 -15.34
C PRO B 166 14.34 -10.99 -15.71
N ALA B 167 14.89 -10.29 -14.71
CA ALA B 167 15.62 -9.07 -14.94
C ALA B 167 16.85 -9.28 -15.81
N TYR B 168 17.40 -10.49 -15.79
CA TYR B 168 18.59 -10.79 -16.59
C TYR B 168 18.29 -11.12 -18.08
N PHE B 169 17.01 -11.23 -18.46
CA PHE B 169 16.66 -11.54 -19.84
C PHE B 169 17.25 -10.50 -20.75
N ASN B 170 17.76 -10.98 -21.88
CA ASN B 170 18.41 -10.14 -22.86
C ASN B 170 17.41 -9.75 -23.96
N ASP B 171 17.90 -9.10 -25.02
CA ASP B 171 17.04 -8.56 -26.07
C ASP B 171 16.26 -9.66 -26.78
N ALA B 172 16.96 -10.74 -27.12
CA ALA B 172 16.31 -11.86 -27.83
C ALA B 172 15.24 -12.57 -26.96
N GLN B 173 15.50 -12.71 -25.67
CA GLN B 173 14.57 -13.38 -24.75
C GLN B 173 13.31 -12.52 -24.53
N ARG B 174 13.51 -11.22 -24.40
CA ARG B 174 12.39 -10.27 -24.29
C ARG B 174 11.52 -10.25 -25.55
N GLN B 175 12.17 -10.20 -26.72
CA GLN B 175 11.45 -10.23 -27.98
C GLN B 175 10.70 -11.53 -28.21
N ALA B 176 11.32 -12.67 -27.88
CA ALA B 176 10.67 -13.96 -28.05
C ALA B 176 9.44 -14.09 -27.12
N THR B 177 9.51 -13.47 -25.95
CA THR B 177 8.39 -13.44 -24.99
C THR B 177 7.24 -12.60 -25.54
N LYS B 178 7.56 -11.45 -26.13
CA LYS B 178 6.58 -10.66 -26.82
C LYS B 178 5.97 -11.44 -28.00
N ASP B 179 6.81 -12.16 -28.74
CA ASP B 179 6.33 -12.99 -29.88
C ASP B 179 5.36 -14.10 -29.42
N ALA B 180 5.66 -14.71 -28.27
CA ALA B 180 4.75 -15.71 -27.65
C ALA B 180 3.36 -15.09 -27.41
N GLY B 181 3.34 -13.86 -26.92
CA GLY B 181 2.10 -13.11 -26.77
C GLY B 181 1.35 -12.90 -28.07
N THR B 182 2.07 -12.46 -29.09
CA THR B 182 1.49 -12.24 -30.40
C THR B 182 0.85 -13.52 -30.94
N ILE B 183 1.55 -14.65 -30.81
CA ILE B 183 1.05 -15.93 -31.30
C ILE B 183 -0.23 -16.31 -30.56
N ALA B 184 -0.29 -15.96 -29.28
CA ALA B 184 -1.45 -16.26 -28.42
C ALA B 184 -2.60 -15.25 -28.60
N GLY B 185 -2.46 -14.29 -29.50
CA GLY B 185 -3.51 -13.28 -29.73
C GLY B 185 -3.49 -12.14 -28.72
N LEU B 186 -2.35 -11.92 -28.09
CA LEU B 186 -2.18 -10.85 -27.11
C LEU B 186 -1.22 -9.78 -27.64
N ASN B 187 -1.64 -8.53 -27.55
CA ASN B 187 -0.75 -7.42 -27.76
C ASN B 187 -0.04 -7.18 -26.43
N VAL B 188 1.23 -7.54 -26.37
CA VAL B 188 2.03 -7.32 -25.17
C VAL B 188 2.50 -5.88 -25.17
N MET B 189 1.81 -5.06 -24.39
CA MET B 189 2.00 -3.61 -24.35
C MET B 189 3.34 -3.25 -23.69
N ARG B 190 3.72 -4.05 -22.71
CA ARG B 190 4.94 -3.84 -21.94
C ARG B 190 5.51 -5.16 -21.43
N ILE B 191 6.83 -5.30 -21.57
CA ILE B 191 7.59 -6.37 -20.90
C ILE B 191 8.25 -5.70 -19.72
N ILE B 192 8.00 -6.21 -18.51
CA ILE B 192 8.58 -5.61 -17.32
C ILE B 192 9.35 -6.66 -16.54
N ASN B 193 10.25 -6.22 -15.69
CA ASN B 193 11.09 -7.16 -14.97
C ASN B 193 10.34 -7.73 -13.77
N GLU B 194 10.49 -9.04 -13.57
CA GLU B 194 9.88 -9.74 -12.43
C GLU B 194 10.11 -9.12 -11.05
N PRO B 195 11.37 -8.82 -10.66
CA PRO B 195 11.57 -8.25 -9.31
C PRO B 195 10.93 -6.87 -9.17
N THR B 196 10.96 -6.09 -10.25
CA THR B 196 10.33 -4.78 -10.25
C THR B 196 8.81 -4.91 -10.05
N ALA B 197 8.21 -5.81 -10.79
CA ALA B 197 6.79 -6.13 -10.63
C ALA B 197 6.44 -6.47 -9.18
N ALA B 198 7.28 -7.27 -8.54
CA ALA B 198 7.03 -7.66 -7.15
C ALA B 198 7.11 -6.45 -6.20
N ALA B 199 8.10 -5.58 -6.43
CA ALA B 199 8.24 -4.34 -5.69
C ALA B 199 7.03 -3.42 -5.86
N ILE B 200 6.52 -3.34 -7.09
CA ILE B 200 5.29 -2.58 -7.37
C ILE B 200 4.08 -3.16 -6.62
N ALA B 201 3.98 -4.49 -6.59
CA ALA B 201 2.88 -5.14 -5.88
C ALA B 201 2.81 -4.64 -4.44
N TYR B 202 3.97 -4.49 -3.82
CA TYR B 202 4.04 -3.99 -2.45
C TYR B 202 4.02 -2.47 -2.29
N GLY B 203 3.80 -1.74 -3.37
CA GLY B 203 3.72 -0.29 -3.31
C GLY B 203 5.04 0.35 -2.92
N LEU B 204 6.14 -0.32 -3.21
CA LEU B 204 7.45 0.21 -2.84
C LEU B 204 7.81 1.38 -3.74
N ASP B 205 7.14 1.46 -4.89
CA ASP B 205 7.26 2.60 -5.81
C ASP B 205 6.73 3.92 -5.21
N LYS B 206 5.92 3.81 -4.16
CA LYS B 206 5.45 4.99 -3.42
C LYS B 206 6.43 5.43 -2.31
N ARG B 207 7.56 4.75 -2.19
CA ARG B 207 8.60 5.12 -1.19
C ARG B 207 9.29 6.44 -1.57
N GLU B 208 9.35 7.35 -0.60
CA GLU B 208 9.97 8.67 -0.77
C GLU B 208 11.47 8.59 -0.42
N GLY B 209 12.34 9.03 -1.34
CA GLY B 209 13.80 9.01 -1.17
C GLY B 209 14.43 7.86 -1.95
N GLU B 210 15.73 7.64 -1.74
CA GLU B 210 16.44 6.58 -2.46
C GLU B 210 16.62 5.36 -1.55
N LYS B 211 16.12 4.22 -1.98
CA LYS B 211 16.12 3.02 -1.16
C LYS B 211 16.64 1.81 -1.95
N ASN B 212 17.27 0.89 -1.22
CA ASN B 212 17.78 -0.33 -1.78
C ASN B 212 16.84 -1.47 -1.45
N ILE B 213 16.42 -2.21 -2.47
CA ILE B 213 15.46 -3.26 -2.31
C ILE B 213 16.10 -4.58 -2.71
N LEU B 214 16.07 -5.56 -1.82
CA LEU B 214 16.59 -6.89 -2.13
C LEU B 214 15.42 -7.82 -2.43
N VAL B 215 15.36 -8.34 -3.66
CA VAL B 215 14.28 -9.25 -4.06
C VAL B 215 14.88 -10.67 -4.11
N PHE B 216 14.29 -11.55 -3.30
CA PHE B 216 14.71 -12.93 -3.12
C PHE B 216 13.63 -13.83 -3.69
N ASP B 217 13.89 -14.38 -4.88
CA ASP B 217 12.87 -15.08 -5.67
C ASP B 217 13.20 -16.57 -5.87
N LEU B 218 12.55 -17.42 -5.08
CA LEU B 218 12.81 -18.86 -5.10
C LEU B 218 11.54 -19.58 -5.54
N GLY B 219 11.55 -20.05 -6.77
CA GLY B 219 10.36 -20.65 -7.40
C GLY B 219 10.47 -22.16 -7.48
N GLY B 220 9.99 -22.69 -8.59
CA GLY B 220 9.95 -24.11 -8.81
C GLY B 220 11.21 -24.65 -9.38
N GLY B 221 11.77 -23.94 -10.36
CA GLY B 221 12.98 -24.42 -11.02
C GLY B 221 14.20 -23.53 -10.87
N THR B 222 13.99 -22.28 -10.48
CA THR B 222 15.03 -21.26 -10.49
C THR B 222 15.06 -20.42 -9.25
N PHE B 223 16.26 -19.91 -8.95
CA PHE B 223 16.48 -18.98 -7.86
C PHE B 223 17.09 -17.69 -8.41
N ASP B 224 16.35 -16.59 -8.29
CA ASP B 224 16.83 -15.28 -8.74
C ASP B 224 16.91 -14.30 -7.56
N VAL B 225 18.07 -13.68 -7.41
CA VAL B 225 18.24 -12.58 -6.46
C VAL B 225 18.53 -11.31 -7.26
N SER B 226 17.81 -10.23 -6.95
CA SER B 226 18.00 -8.94 -7.64
C SER B 226 18.12 -7.81 -6.61
N LEU B 227 19.05 -6.90 -6.85
CA LEU B 227 19.15 -5.71 -6.06
C LEU B 227 18.61 -4.58 -6.91
N LEU B 228 17.53 -3.96 -6.44
CA LEU B 228 16.94 -2.79 -7.11
C LEU B 228 17.17 -1.53 -6.28
N THR B 229 17.24 -0.39 -6.94
CA THR B 229 17.09 0.87 -6.26
C THR B 229 15.77 1.47 -6.68
N ILE B 230 15.18 2.25 -5.78
CA ILE B 230 14.09 3.10 -6.16
C ILE B 230 14.48 4.51 -5.77
N ASP B 231 14.19 5.47 -6.66
CA ASP B 231 14.57 6.86 -6.44
C ASP B 231 13.56 7.75 -7.18
N ASN B 232 12.86 8.60 -6.43
CA ASN B 232 11.84 9.49 -6.96
C ASN B 232 10.82 8.80 -7.86
N GLY B 233 10.36 7.62 -7.43
CA GLY B 233 9.39 6.83 -8.17
C GLY B 233 9.93 5.89 -9.24
N VAL B 234 11.24 5.93 -9.50
CA VAL B 234 11.85 5.21 -10.62
C VAL B 234 12.71 4.02 -10.16
N PHE B 235 12.46 2.83 -10.69
CA PHE B 235 13.23 1.62 -10.31
C PHE B 235 14.45 1.45 -11.23
N GLU B 236 15.55 0.92 -10.67
CA GLU B 236 16.71 0.50 -11.45
C GLU B 236 17.20 -0.85 -10.91
N VAL B 237 17.47 -1.79 -11.80
CA VAL B 237 18.07 -3.08 -11.44
C VAL B 237 19.59 -2.93 -11.40
N VAL B 238 20.17 -3.01 -10.21
CA VAL B 238 21.61 -2.73 -10.02
C VAL B 238 22.47 -3.96 -10.28
N ALA B 239 22.00 -5.10 -9.80
CA ALA B 239 22.75 -6.33 -9.92
C ALA B 239 21.83 -7.51 -9.77
N THR B 240 22.20 -8.64 -10.39
CA THR B 240 21.43 -9.89 -10.25
C THR B 240 22.34 -11.09 -10.05
N ASN B 241 21.83 -12.07 -9.34
CA ASN B 241 22.52 -13.31 -9.17
C ASN B 241 21.47 -14.40 -8.87
N GLY B 242 21.96 -15.59 -8.53
CA GLY B 242 21.07 -16.68 -8.15
C GLY B 242 21.62 -18.01 -8.61
N ASP B 243 20.71 -18.95 -8.85
CA ASP B 243 21.09 -20.26 -9.37
C ASP B 243 19.98 -20.70 -10.34
N THR B 244 20.37 -20.95 -11.58
CA THR B 244 19.42 -21.23 -12.64
C THR B 244 18.75 -22.62 -12.50
N HIS B 245 19.33 -23.48 -11.69
CA HIS B 245 18.78 -24.83 -11.45
C HIS B 245 18.67 -25.14 -9.97
N LEU B 246 18.05 -24.24 -9.23
CA LEU B 246 17.75 -24.45 -7.82
C LEU B 246 16.36 -23.94 -7.56
N GLY B 247 15.48 -24.81 -7.07
CA GLY B 247 14.12 -24.44 -6.74
C GLY B 247 13.36 -25.53 -6.02
N GLY B 248 12.06 -25.32 -5.86
CA GLY B 248 11.22 -26.24 -5.12
C GLY B 248 11.20 -27.65 -5.65
N GLU B 249 11.43 -27.80 -6.95
CA GLU B 249 11.47 -29.13 -7.56
C GLU B 249 12.63 -29.93 -6.99
N ASP B 250 13.72 -29.25 -6.67
CA ASP B 250 14.84 -29.92 -6.03
C ASP B 250 14.54 -30.37 -4.60
N PHE B 251 13.71 -29.61 -3.88
CA PHE B 251 13.31 -29.99 -2.52
C PHE B 251 12.39 -31.23 -2.58
N ASP B 252 11.50 -31.24 -3.56
CA ASP B 252 10.65 -32.43 -3.83
C ASP B 252 11.53 -33.67 -4.07
N GLN B 253 12.55 -33.55 -4.92
CA GLN B 253 13.43 -34.70 -5.22
C GLN B 253 14.14 -35.25 -4.00
N ARG B 254 14.55 -34.37 -3.08
CA ARG B 254 15.13 -34.82 -1.80
C ARG B 254 14.15 -35.67 -1.02
N VAL B 255 12.89 -35.27 -0.99
CA VAL B 255 11.87 -36.02 -0.24
C VAL B 255 11.58 -37.35 -0.96
N MET B 256 11.55 -37.33 -2.29
N MET B 256 11.52 -37.29 -2.29
CA MET B 256 11.35 -38.57 -3.06
CA MET B 256 11.41 -38.49 -3.16
C MET B 256 12.49 -39.58 -2.86
C MET B 256 12.47 -39.53 -2.81
N GLU B 257 13.73 -39.11 -2.82
CA GLU B 257 14.88 -40.01 -2.53
C GLU B 257 14.71 -40.68 -1.18
N HIS B 258 14.34 -39.89 -0.19
CA HIS B 258 14.08 -40.33 1.17
C HIS B 258 13.03 -41.45 1.22
N PHE B 259 11.90 -41.23 0.57
CA PHE B 259 10.81 -42.23 0.59
C PHE B 259 11.05 -43.43 -0.30
N ILE B 260 11.76 -43.23 -1.41
CA ILE B 260 12.22 -44.37 -2.21
C ILE B 260 13.15 -45.28 -1.41
N LYS B 261 14.05 -44.68 -0.63
CA LYS B 261 15.00 -45.47 0.20
C LYS B 261 14.26 -46.19 1.33
N LEU B 262 13.35 -45.49 2.00
CA LEU B 262 12.55 -46.06 3.08
C LEU B 262 11.76 -47.27 2.58
N TYR B 263 10.99 -47.04 1.51
CA TYR B 263 10.18 -48.09 0.90
C TYR B 263 11.00 -49.35 0.65
N LYS B 264 12.20 -49.18 0.08
CA LYS B 264 13.07 -50.30 -0.21
C LYS B 264 13.49 -51.02 1.06
N LYS B 265 13.85 -50.28 2.09
CA LYS B 265 14.20 -50.88 3.38
C LYS B 265 13.05 -51.75 3.93
N LYS B 266 11.83 -51.22 3.87
CA LYS B 266 10.66 -51.95 4.36
C LYS B 266 10.31 -53.17 3.51
N THR B 267 10.22 -52.96 2.20
CA THR B 267 9.66 -53.95 1.29
C THR B 267 10.66 -54.70 0.39
N GLY B 268 11.90 -54.24 0.35
CA GLY B 268 12.90 -54.79 -0.59
C GLY B 268 12.71 -54.36 -2.05
N LYS B 269 11.67 -53.58 -2.33
CA LYS B 269 11.33 -53.19 -3.69
C LYS B 269 11.95 -51.85 -4.02
N ASP B 270 12.48 -51.73 -5.23
CA ASP B 270 12.99 -50.43 -5.72
C ASP B 270 11.96 -49.89 -6.70
N VAL B 271 11.17 -48.90 -6.28
CA VAL B 271 10.10 -48.37 -7.14
C VAL B 271 10.63 -47.52 -8.30
N ARG B 272 11.92 -47.15 -8.24
CA ARG B 272 12.63 -46.58 -9.40
C ARG B 272 12.42 -47.46 -10.64
N LYS B 273 12.26 -48.77 -10.44
CA LYS B 273 11.98 -49.68 -11.55
C LYS B 273 10.64 -49.42 -12.27
N ASP B 274 9.76 -48.60 -11.67
CA ASP B 274 8.45 -48.28 -12.29
C ASP B 274 8.19 -46.78 -12.21
N ASN B 275 8.21 -46.11 -13.36
CA ASN B 275 8.01 -44.65 -13.39
C ASN B 275 6.56 -44.19 -13.12
N ARG B 276 5.58 -45.08 -13.30
CA ARG B 276 4.19 -44.75 -12.92
C ARG B 276 4.12 -44.48 -11.42
N ALA B 277 4.78 -45.34 -10.65
CA ALA B 277 4.86 -45.23 -9.20
C ALA B 277 5.61 -43.98 -8.79
N VAL B 278 6.70 -43.69 -9.50
CA VAL B 278 7.50 -42.49 -9.22
C VAL B 278 6.67 -41.22 -9.40
N GLN B 279 5.87 -41.17 -10.47
CA GLN B 279 5.03 -40.01 -10.78
C GLN B 279 3.92 -39.80 -9.72
N LYS B 280 3.32 -40.90 -9.27
CA LYS B 280 2.31 -40.84 -8.21
C LYS B 280 2.91 -40.27 -6.93
N LEU B 281 4.11 -40.73 -6.58
CA LEU B 281 4.81 -40.28 -5.39
C LEU B 281 5.21 -38.80 -5.49
N ARG B 282 5.72 -38.39 -6.65
CA ARG B 282 6.12 -37.01 -6.84
C ARG B 282 4.94 -36.08 -6.60
N ARG B 283 3.77 -36.43 -7.12
CA ARG B 283 2.60 -35.56 -6.93
C ARG B 283 2.21 -35.46 -5.45
N GLU B 284 2.20 -36.59 -4.74
CA GLU B 284 1.85 -36.56 -3.33
C GLU B 284 2.93 -35.89 -2.49
N VAL B 285 4.19 -36.04 -2.87
CA VAL B 285 5.27 -35.36 -2.18
C VAL B 285 5.14 -33.82 -2.32
N GLU B 286 4.87 -33.33 -3.53
CA GLU B 286 4.70 -31.89 -3.73
C GLU B 286 3.54 -31.37 -2.83
N LYS B 287 2.45 -32.12 -2.78
CA LYS B 287 1.28 -31.74 -1.95
C LYS B 287 1.65 -31.65 -0.49
N ALA B 288 2.37 -32.67 -0.01
CA ALA B 288 2.77 -32.72 1.38
C ALA B 288 3.75 -31.58 1.70
N LYS B 289 4.74 -31.38 0.82
CA LYS B 289 5.63 -30.22 0.97
C LYS B 289 4.81 -28.96 1.20
N ARG B 290 3.83 -28.69 0.36
CA ARG B 290 3.05 -27.47 0.48
C ARG B 290 2.28 -27.43 1.81
N ALA B 291 1.71 -28.57 2.21
CA ALA B 291 0.97 -28.66 3.48
C ALA B 291 1.86 -28.30 4.64
N LEU B 292 3.11 -28.75 4.57
CA LEU B 292 4.09 -28.48 5.63
C LEU B 292 4.51 -27.00 5.78
N SER B 293 4.07 -26.14 4.86
CA SER B 293 4.26 -24.70 5.08
C SER B 293 3.28 -24.11 6.09
N SER B 294 2.19 -24.83 6.38
CA SER B 294 1.17 -24.35 7.32
C SER B 294 0.80 -25.32 8.46
N GLN B 295 1.33 -26.55 8.43
CA GLN B 295 1.12 -27.52 9.52
C GLN B 295 2.45 -28.28 9.75
N HIS B 296 2.53 -29.12 10.79
CA HIS B 296 3.82 -29.72 11.19
C HIS B 296 4.03 -31.17 10.76
N GLN B 297 2.97 -31.78 10.24
CA GLN B 297 3.06 -33.13 9.72
C GLN B 297 2.12 -33.24 8.54
N ALA B 298 2.43 -34.15 7.61
CA ALA B 298 1.58 -34.43 6.47
C ALA B 298 1.63 -35.92 6.14
N ARG B 299 0.53 -36.43 5.60
CA ARG B 299 0.46 -37.84 5.17
C ARG B 299 0.75 -37.94 3.70
N ILE B 300 1.46 -39.01 3.31
CA ILE B 300 1.61 -39.40 1.91
C ILE B 300 0.98 -40.77 1.80
N GLU B 301 -0.15 -40.85 1.12
CA GLU B 301 -0.83 -42.12 0.93
C GLU B 301 -1.15 -42.34 -0.53
N ILE B 302 -0.80 -43.53 -1.03
CA ILE B 302 -1.01 -43.88 -2.41
C ILE B 302 -1.56 -45.30 -2.45
N GLU B 303 -2.80 -45.45 -2.92
CA GLU B 303 -3.40 -46.76 -3.11
C GLU B 303 -2.78 -47.42 -4.35
N SER B 304 -2.55 -48.73 -4.26
CA SER B 304 -1.98 -49.53 -5.35
C SER B 304 -0.75 -48.87 -5.93
N PHE B 305 0.18 -48.54 -5.05
CA PHE B 305 1.42 -47.80 -5.37
C PHE B 305 2.39 -48.58 -6.26
N TYR B 306 2.69 -49.81 -5.87
CA TYR B 306 3.69 -50.61 -6.57
C TYR B 306 3.37 -52.08 -6.42
N GLU B 307 3.27 -52.78 -7.55
CA GLU B 307 2.94 -54.20 -7.55
C GLU B 307 1.75 -54.49 -6.64
N GLY B 308 0.77 -53.59 -6.68
CA GLY B 308 -0.48 -53.78 -5.97
C GLY B 308 -0.51 -53.44 -4.49
N GLU B 309 0.61 -52.97 -3.94
CA GLU B 309 0.70 -52.65 -2.52
C GLU B 309 0.52 -51.14 -2.33
N ASP B 310 -0.07 -50.77 -1.18
CA ASP B 310 -0.31 -49.37 -0.87
C ASP B 310 0.90 -48.76 -0.20
N PHE B 311 1.01 -47.45 -0.34
CA PHE B 311 2.08 -46.66 0.28
C PHE B 311 1.41 -45.83 1.35
N SER B 312 2.00 -45.81 2.54
CA SER B 312 1.50 -44.96 3.61
C SER B 312 2.64 -44.55 4.52
N GLU B 313 3.02 -43.28 4.44
CA GLU B 313 4.06 -42.75 5.28
C GLU B 313 3.67 -41.33 5.66
N THR B 314 4.37 -40.78 6.63
CA THR B 314 4.12 -39.40 7.03
C THR B 314 5.42 -38.64 6.95
N LEU B 315 5.32 -37.34 6.77
CA LEU B 315 6.47 -36.47 6.72
C LEU B 315 6.25 -35.35 7.71
N THR B 316 7.22 -35.16 8.61
CA THR B 316 7.21 -34.04 9.56
C THR B 316 7.88 -32.84 8.92
N ARG B 317 7.56 -31.63 9.42
CA ARG B 317 8.24 -30.42 8.94
C ARG B 317 9.71 -30.55 9.27
N ALA B 318 9.99 -30.98 10.49
CA ALA B 318 11.35 -31.23 10.95
C ALA B 318 12.16 -32.05 9.93
N LYS B 319 11.59 -33.12 9.43
CA LYS B 319 12.30 -34.01 8.50
C LYS B 319 12.46 -33.35 7.13
N PHE B 320 11.41 -32.69 6.69
CA PHE B 320 11.46 -31.96 5.42
C PHE B 320 12.62 -30.97 5.43
N GLU B 321 12.74 -30.21 6.53
CA GLU B 321 13.82 -29.24 6.70
C GLU B 321 15.20 -29.92 6.74
N GLU B 322 15.30 -31.00 7.52
CA GLU B 322 16.56 -31.73 7.66
C GLU B 322 17.07 -32.23 6.29
N LEU B 323 16.16 -32.80 5.50
CA LEU B 323 16.49 -33.30 4.16
C LEU B 323 16.98 -32.24 3.17
N ASN B 324 16.64 -30.98 3.43
CA ASN B 324 16.91 -29.90 2.49
C ASN B 324 17.78 -28.79 3.08
N MET B 325 18.26 -28.95 4.33
CA MET B 325 18.90 -27.81 4.99
C MET B 325 20.06 -27.24 4.18
N ASP B 326 20.88 -28.10 3.59
CA ASP B 326 22.03 -27.63 2.80
C ASP B 326 21.60 -26.75 1.64
N LEU B 327 20.55 -27.19 0.94
CA LEU B 327 20.03 -26.42 -0.18
C LEU B 327 19.44 -25.08 0.28
N PHE B 328 18.69 -25.11 1.40
CA PHE B 328 18.14 -23.86 1.95
C PHE B 328 19.28 -22.88 2.30
N ARG B 329 20.31 -23.38 2.96
CA ARG B 329 21.44 -22.50 3.37
C ARG B 329 22.21 -21.94 2.16
N SER B 330 22.26 -22.71 1.06
CA SER B 330 23.00 -22.29 -0.15
C SER B 330 22.39 -21.06 -0.82
N THR B 331 21.13 -20.75 -0.53
CA THR B 331 20.50 -19.58 -1.15
C THR B 331 21.08 -18.25 -0.64
N MET B 332 21.79 -18.28 0.48
CA MET B 332 22.38 -17.05 1.05
C MET B 332 23.67 -16.63 0.34
N LYS B 333 24.33 -17.55 -0.35
CA LYS B 333 25.59 -17.22 -1.03
C LYS B 333 25.40 -16.20 -2.19
N PRO B 334 24.40 -16.42 -3.08
CA PRO B 334 24.09 -15.40 -4.10
C PRO B 334 23.63 -14.06 -3.53
N VAL B 335 22.98 -14.06 -2.37
CA VAL B 335 22.58 -12.83 -1.69
C VAL B 335 23.81 -12.04 -1.24
N GLN B 336 24.77 -12.72 -0.61
CA GLN B 336 26.01 -12.03 -0.22
C GLN B 336 26.76 -11.52 -1.46
N LYS B 337 26.75 -12.30 -2.54
CA LYS B 337 27.40 -11.90 -3.79
C LYS B 337 26.75 -10.63 -4.44
N VAL B 338 25.42 -10.56 -4.46
CA VAL B 338 24.76 -9.38 -5.04
C VAL B 338 25.09 -8.12 -4.21
N LEU B 339 25.06 -8.25 -2.88
CA LEU B 339 25.44 -7.16 -1.98
C LEU B 339 26.86 -6.70 -2.27
N GLU B 340 27.77 -7.66 -2.39
CA GLU B 340 29.18 -7.38 -2.69
C GLU B 340 29.34 -6.63 -4.02
N ASP B 341 28.69 -7.14 -5.07
CA ASP B 341 28.78 -6.53 -6.40
C ASP B 341 28.09 -5.16 -6.49
N SER B 342 27.10 -4.92 -5.62
CA SER B 342 26.43 -3.61 -5.51
C SER B 342 27.17 -2.65 -4.54
N ASP B 343 28.24 -3.13 -3.92
CA ASP B 343 29.02 -2.34 -2.97
C ASP B 343 28.19 -1.96 -1.73
N LEU B 344 27.34 -2.90 -1.27
CA LEU B 344 26.42 -2.64 -0.17
C LEU B 344 26.62 -3.61 1.01
N LYS B 345 26.28 -3.14 2.21
CA LYS B 345 26.25 -3.98 3.41
C LYS B 345 24.82 -4.41 3.68
N LYS B 346 24.66 -5.41 4.53
CA LYS B 346 23.33 -5.89 4.89
C LYS B 346 22.45 -4.75 5.40
N SER B 347 23.05 -3.85 6.16
CA SER B 347 22.34 -2.73 6.75
C SER B 347 21.90 -1.69 5.71
N ASP B 348 22.45 -1.75 4.49
CA ASP B 348 22.03 -0.82 3.43
C ASP B 348 20.71 -1.23 2.76
N ILE B 349 20.27 -2.47 3.02
CA ILE B 349 19.02 -2.94 2.43
C ILE B 349 17.85 -2.40 3.24
N ASP B 350 17.00 -1.64 2.57
CA ASP B 350 15.87 -0.97 3.20
C ASP B 350 14.59 -1.78 3.12
N GLU B 351 14.50 -2.65 2.12
CA GLU B 351 13.29 -3.44 1.90
C GLU B 351 13.70 -4.82 1.39
N ILE B 352 13.05 -5.84 1.90
CA ILE B 352 13.29 -7.21 1.45
C ILE B 352 11.99 -7.78 0.93
N VAL B 353 12.00 -8.27 -0.31
CA VAL B 353 10.79 -8.78 -0.90
C VAL B 353 10.98 -10.27 -1.21
N LEU B 354 10.13 -11.09 -0.61
CA LEU B 354 10.08 -12.53 -0.92
C LEU B 354 9.15 -12.81 -2.07
N VAL B 355 9.66 -13.52 -3.06
CA VAL B 355 8.92 -13.88 -4.25
C VAL B 355 9.14 -15.36 -4.54
N GLY B 356 8.15 -16.00 -5.15
CA GLY B 356 8.23 -17.40 -5.52
C GLY B 356 7.58 -18.30 -4.50
N GLY B 357 7.04 -19.41 -4.98
CA GLY B 357 6.28 -20.29 -4.13
C GLY B 357 7.07 -20.92 -3.00
N SER B 358 8.39 -21.09 -3.20
CA SER B 358 9.21 -21.76 -2.20
C SER B 358 9.50 -20.85 -0.99
N THR B 359 9.31 -19.55 -1.13
CA THR B 359 9.49 -18.65 0.03
C THR B 359 8.31 -18.73 1.00
N ARG B 360 7.31 -19.57 0.69
CA ARG B 360 6.26 -19.88 1.65
C ARG B 360 6.77 -20.85 2.72
N ILE B 361 7.90 -21.50 2.46
CA ILE B 361 8.51 -22.43 3.42
C ILE B 361 8.98 -21.64 4.63
N PRO B 362 8.47 -21.97 5.84
CA PRO B 362 8.87 -21.23 7.04
C PRO B 362 10.37 -21.12 7.25
N LYS B 363 11.10 -22.21 7.04
CA LYS B 363 12.55 -22.20 7.22
C LYS B 363 13.24 -21.22 6.27
N ILE B 364 12.74 -21.11 5.04
CA ILE B 364 13.31 -20.11 4.11
C ILE B 364 13.06 -18.68 4.64
N GLN B 365 11.84 -18.42 5.10
CA GLN B 365 11.53 -17.09 5.67
C GLN B 365 12.46 -16.80 6.85
N GLN B 366 12.61 -17.79 7.74
CA GLN B 366 13.47 -17.66 8.90
C GLN B 366 14.91 -17.36 8.49
N LEU B 367 15.44 -18.05 7.49
CA LEU B 367 16.86 -17.91 7.13
C LEU B 367 17.15 -16.56 6.46
N VAL B 368 16.21 -16.06 5.65
CA VAL B 368 16.38 -14.73 5.03
C VAL B 368 16.36 -13.66 6.14
N LYS B 369 15.38 -13.74 7.03
CA LYS B 369 15.26 -12.82 8.16
C LYS B 369 16.51 -12.86 9.01
N GLU B 370 17.00 -14.07 9.29
CA GLU B 370 18.23 -14.24 10.05
C GLU B 370 19.45 -13.62 9.35
N PHE B 371 19.56 -13.84 8.03
CA PHE B 371 20.66 -13.25 7.23
C PHE B 371 20.67 -11.73 7.35
N PHE B 372 19.49 -11.11 7.40
CA PHE B 372 19.38 -9.66 7.53
C PHE B 372 19.16 -9.20 8.98
N ASN B 373 19.71 -9.94 9.94
CA ASN B 373 19.75 -9.52 11.34
C ASN B 373 18.39 -9.20 11.90
N GLY B 374 17.40 -10.01 11.54
CA GLY B 374 16.06 -9.87 12.08
C GLY B 374 15.16 -8.87 11.38
N LYS B 375 15.60 -8.30 10.26
CA LYS B 375 14.72 -7.39 9.51
C LYS B 375 13.55 -8.16 8.90
N GLU B 376 12.33 -7.69 9.13
CA GLU B 376 11.14 -8.37 8.58
C GLU B 376 10.98 -8.04 7.09
N PRO B 377 10.74 -9.07 6.24
CA PRO B 377 10.42 -8.78 4.85
C PRO B 377 9.02 -8.17 4.66
N SER B 378 8.74 -7.67 3.45
CA SER B 378 7.37 -7.31 3.07
C SER B 378 6.44 -8.51 3.23
N ARG B 379 5.17 -8.25 3.52
CA ARG B 379 4.20 -9.33 3.72
C ARG B 379 2.80 -8.85 3.37
N GLY B 380 1.96 -9.77 2.90
CA GLY B 380 0.56 -9.46 2.62
C GLY B 380 0.08 -9.96 1.27
N ILE B 381 1.02 -10.24 0.37
CA ILE B 381 0.70 -10.78 -0.96
C ILE B 381 1.37 -12.15 -1.05
N ASN B 382 0.65 -13.15 -1.54
CA ASN B 382 1.23 -14.48 -1.71
C ASN B 382 2.41 -14.40 -2.65
N PRO B 383 3.54 -14.97 -2.25
CA PRO B 383 4.77 -14.77 -3.01
C PRO B 383 4.74 -15.34 -4.42
N ASP B 384 3.94 -16.38 -4.64
CA ASP B 384 3.84 -16.93 -6.01
C ASP B 384 2.88 -16.11 -6.86
N GLU B 385 2.26 -15.09 -6.27
CA GLU B 385 1.32 -14.22 -6.99
C GLU B 385 1.83 -12.77 -7.15
N ALA B 386 2.88 -12.40 -6.40
CA ALA B 386 3.32 -11.00 -6.36
C ALA B 386 3.74 -10.46 -7.70
N VAL B 387 4.39 -11.27 -8.53
CA VAL B 387 4.82 -10.80 -9.86
C VAL B 387 3.61 -10.46 -10.73
N ALA B 388 2.67 -11.41 -10.85
CA ALA B 388 1.42 -11.15 -11.58
C ALA B 388 0.68 -9.96 -10.99
N TYR B 389 0.66 -9.84 -9.66
CA TYR B 389 0.01 -8.71 -8.97
C TYR B 389 0.56 -7.37 -9.46
N GLY B 390 1.87 -7.21 -9.43
CA GLY B 390 2.48 -5.97 -9.93
C GLY B 390 2.23 -5.72 -11.41
N ALA B 391 2.26 -6.79 -12.22
CA ALA B 391 1.90 -6.68 -13.65
C ALA B 391 0.49 -6.13 -13.78
N ALA B 392 -0.41 -6.63 -12.94
CA ALA B 392 -1.82 -6.22 -12.96
C ALA B 392 -2.00 -4.77 -12.53
N VAL B 393 -1.17 -4.31 -11.59
CA VAL B 393 -1.17 -2.91 -11.21
C VAL B 393 -0.87 -2.04 -12.43
N GLN B 394 0.15 -2.42 -13.19
CA GLN B 394 0.49 -1.68 -14.41
C GLN B 394 -0.60 -1.81 -15.46
N ALA B 395 -1.18 -2.99 -15.55
CA ALA B 395 -2.29 -3.24 -16.47
C ALA B 395 -3.53 -2.36 -16.16
N GLY B 396 -3.80 -2.11 -14.88
CA GLY B 396 -4.88 -1.23 -14.47
C GLY B 396 -4.71 0.17 -15.00
N VAL B 397 -3.49 0.69 -14.91
CA VAL B 397 -3.20 2.04 -15.36
C VAL B 397 -3.39 2.10 -16.86
N LEU B 398 -2.90 1.08 -17.56
CA LEU B 398 -3.04 1.04 -19.03
C LEU B 398 -4.48 0.80 -19.49
N SER B 399 -5.31 0.19 -18.64
CA SER B 399 -6.72 0.00 -18.96
C SER B 399 -7.51 1.31 -18.87
N GLY B 400 -7.05 2.26 -18.06
CA GLY B 400 -7.74 3.55 -17.87
C GLY B 400 -8.77 3.46 -16.76
#